data_1RUI
#
_entry.id   1RUI
#
_cell.length_a   445.100
_cell.length_b   445.100
_cell.length_c   445.100
_cell.angle_alpha   90.00
_cell.angle_beta   90.00
_cell.angle_gamma   90.00
#
_symmetry.space_group_name_H-M   'P 21 3'
#
loop_
_entity.id
_entity.type
_entity.pdbx_description
1 polymer 'RHINOVIRUS 14'
2 polymer 'RHINOVIRUS 14'
3 polymer 'RHINOVIRUS 14'
4 polymer 'RHINOVIRUS 14'
5 non-polymer '5-(7-(5-HYDRO-4-METHYL-2-OXAZOLYL)PHENOXY)HEPTYL)-3-METHYL ISOXAZOLE'
#
loop_
_entity_poly.entity_id
_entity_poly.type
_entity_poly.pdbx_seq_one_letter_code
_entity_poly.pdbx_strand_id
1 'polypeptide(L)'
;GLGDELEEVIVEKTKQTVASISSGPKHTQKVPILTANETGATMPVLPSDSIETRTTYMHFNGSETDVECFLGRAACVHVT
EIQNKDATGIDNHREAKLFNDWKINLSSLVQLRKKLELFTYVRFDSEYTILATASQPDSANYSSNLVVQAMYVPPGAPNP
KEWDDYTWQSASNPSVFFKVGDTSRFSVPYVGLASAYNCFYDGYSHDDAETQYGITVLNHMGGMAFRIVNEHDEHKTLVK
IRVYHRAKHVEAWIPRAPRALPYTSIGRTNYPKNTEPVIKKRKGDIKSY
;
1
2 'polypeptide(L)'
;SPNVEACGYSDRVQQITLGNSTITTQEAANAVVCYAEWPEYLPDVDASDVNKTSKPDTSVCRFYTLDSKTWTTGSKGWCW
KLPDALKDMGVFGQNMFFHSLGRSGYTVHVQCNATKFHSGCLLVVVIPEHQLASHEGGNVSVKYTFTHPGERGIDLSSAN
EVGGPVKDVLYNMNGTLLGNLLIFPHQFINLRTNNTATIVIPYINSVPIDSMTRHNNVSLMVIPIAPLTVPTGATPSLPI
TVTIAPMCTEFSGIRSKSIVPQ
;
2
3 'polypeptide(L)'
;GLPTTTLPGSGQFLTTDDRQSPSALPNYEPTPRIHIPGKVHNLLEIIQVDTLIPMNNTHTKDEVNSYLIPLNANRQNEQV
FGTNLFIGDGVFKTTLLGEIVQYYTHWSGSLRFSLMYTGPALSSAKLILAYTPPGARGPQDRREAMLGTHVVWDIGLQST
IVMTIPWTSGVQFRYTDPDTYTSAGFLSCWYQTSLILPPETTGQVYLLSFISACPDFKLRLMKDTQTISQTVALTE
;
3
4 'polypeptide(L)' GAQVSTQKSGSHENQNILTNGSNQTFTVINYYKDAASTSSAGQSLSMDPSKFTEPVKDLMLKGAPALN 4
#
loop_
_chem_comp.id
_chem_comp.type
_chem_comp.name
_chem_comp.formula
W84 non-polymer '5-(7-(5-HYDRO-4-METHYL-2-OXAZOLYL)PHENOXY)HEPTYL)-3-METHYL ISOXAZOLE' 'C21 H28 N2 O3'
#
# COMPACT_ATOMS: atom_id res chain seq x y z
N THR A 17 -8.80 -29.59 4.65
CA THR A 17 -9.19 -28.35 5.32
C THR A 17 -10.63 -27.84 5.40
N VAL A 18 -11.13 -27.51 6.62
CA VAL A 18 -12.57 -27.13 6.51
C VAL A 18 -12.67 -25.65 6.24
N ALA A 19 -13.57 -25.31 5.33
CA ALA A 19 -13.88 -23.92 5.00
C ALA A 19 -14.95 -23.39 5.96
N SER A 20 -15.77 -24.29 6.42
CA SER A 20 -16.81 -23.87 7.40
C SER A 20 -17.06 -25.10 8.23
N ILE A 21 -17.26 -24.93 9.53
CA ILE A 21 -17.62 -26.06 10.35
C ILE A 21 -19.17 -26.03 10.53
N SER A 22 -19.64 -27.08 11.14
CA SER A 22 -21.11 -27.14 11.34
C SER A 22 -21.45 -26.33 12.53
N SER A 23 -22.36 -25.48 12.62
CA SER A 23 -22.57 -24.77 13.97
C SER A 23 -24.02 -24.60 14.15
N GLY A 24 -24.60 -24.60 15.31
CA GLY A 24 -26.12 -24.54 15.45
C GLY A 24 -26.52 -23.35 16.21
N PRO A 25 -27.71 -23.34 16.81
CA PRO A 25 -28.27 -22.16 17.51
C PRO A 25 -27.30 -21.76 18.61
N LYS A 26 -27.22 -20.62 19.08
CA LYS A 26 -26.37 -20.00 20.12
C LYS A 26 -27.22 -19.13 21.07
N HIS A 27 -27.07 -19.08 22.32
CA HIS A 27 -27.83 -18.11 23.20
C HIS A 27 -26.78 -17.84 24.29
N THR A 28 -25.74 -17.14 24.08
CA THR A 28 -24.69 -16.91 24.93
C THR A 28 -24.46 -15.47 25.43
N GLN A 29 -23.48 -15.45 26.28
CA GLN A 29 -22.98 -14.32 27.04
C GLN A 29 -21.62 -14.04 26.34
N LYS A 30 -21.35 -14.83 25.36
CA LYS A 30 -20.03 -14.75 24.65
C LYS A 30 -20.31 -14.30 23.23
N VAL A 31 -20.21 -13.03 22.92
CA VAL A 31 -20.60 -12.47 21.61
C VAL A 31 -19.44 -12.19 20.74
N PRO A 32 -19.02 -13.02 19.84
CA PRO A 32 -17.86 -12.77 18.98
C PRO A 32 -18.09 -11.68 17.95
N ILE A 33 -19.29 -11.23 17.71
CA ILE A 33 -19.51 -10.25 16.65
C ILE A 33 -19.46 -8.84 17.18
N LEU A 34 -19.33 -8.55 18.44
CA LEU A 34 -19.27 -7.14 18.92
C LEU A 34 -17.81 -6.81 19.09
N THR A 35 -17.24 -5.88 18.44
CA THR A 35 -15.81 -5.59 18.71
C THR A 35 -15.56 -4.15 18.86
N ALA A 36 -14.37 -3.63 18.95
CA ALA A 36 -14.03 -2.20 19.02
C ALA A 36 -13.00 -1.89 17.93
N ASN A 37 -13.31 -1.49 16.73
CA ASN A 37 -12.40 -1.29 15.63
C ASN A 37 -11.40 -0.20 15.92
N GLU A 38 -11.61 0.51 17.03
CA GLU A 38 -10.70 1.60 17.32
C GLU A 38 -9.32 1.08 17.65
N THR A 39 -9.24 -0.21 17.94
CA THR A 39 -8.02 -0.87 18.42
C THR A 39 -7.05 -1.09 17.30
N GLY A 40 -7.53 -1.14 16.06
CA GLY A 40 -6.65 -1.33 14.92
C GLY A 40 -6.68 -2.78 14.54
N ALA A 41 -7.40 -3.63 15.19
CA ALA A 41 -7.36 -5.07 14.76
C ALA A 41 -8.43 -5.39 13.79
N THR A 42 -8.36 -6.40 12.94
CA THR A 42 -9.54 -6.94 12.22
C THR A 42 -9.78 -8.32 12.85
N MET A 43 -10.69 -8.36 13.75
CA MET A 43 -11.06 -9.63 14.42
C MET A 43 -11.53 -10.66 13.45
N PRO A 44 -10.99 -11.86 13.56
CA PRO A 44 -11.27 -12.97 12.62
C PRO A 44 -12.62 -13.61 12.71
N VAL A 45 -13.66 -12.88 12.42
CA VAL A 45 -15.06 -13.39 12.50
C VAL A 45 -15.36 -14.20 11.26
N LEU A 46 -16.14 -15.26 11.46
CA LEU A 46 -16.58 -16.22 10.43
C LEU A 46 -18.07 -16.39 10.34
N PRO A 47 -18.54 -16.89 9.19
CA PRO A 47 -19.99 -17.13 9.03
C PRO A 47 -20.55 -17.87 10.18
N SER A 48 -19.80 -18.82 10.71
CA SER A 48 -20.35 -19.66 11.81
C SER A 48 -20.35 -18.88 13.08
N ASP A 49 -20.29 -17.62 13.16
CA ASP A 49 -20.28 -16.94 14.50
C ASP A 49 -21.64 -16.27 14.61
N SER A 50 -22.26 -16.20 13.42
CA SER A 50 -23.51 -15.47 13.39
C SER A 50 -24.57 -16.16 12.60
N ILE A 51 -24.47 -17.21 11.89
CA ILE A 51 -25.58 -17.99 11.33
C ILE A 51 -25.33 -19.45 11.68
N GLU A 52 -26.23 -20.35 11.42
CA GLU A 52 -26.00 -21.81 11.64
C GLU A 52 -25.37 -22.35 10.38
N THR A 53 -24.22 -22.95 10.34
CA THR A 53 -23.54 -23.47 9.14
C THR A 53 -23.47 -24.97 9.16
N ARG A 54 -23.01 -25.51 8.05
CA ARG A 54 -22.87 -26.97 7.79
C ARG A 54 -21.42 -27.17 7.44
N THR A 55 -20.83 -28.30 7.56
CA THR A 55 -19.42 -28.43 7.12
C THR A 55 -19.28 -28.37 5.63
N THR A 56 -18.19 -27.72 5.23
CA THR A 56 -17.76 -27.63 3.83
C THR A 56 -16.22 -27.57 3.87
N TYR A 57 -15.59 -28.11 2.83
CA TYR A 57 -14.10 -28.04 2.72
C TYR A 57 -13.65 -27.03 1.73
N MET A 58 -12.41 -26.63 1.88
CA MET A 58 -11.84 -25.54 1.05
C MET A 58 -11.54 -26.04 -0.32
N HIS A 59 -10.95 -27.20 -0.48
CA HIS A 59 -10.61 -27.59 -1.87
C HIS A 59 -9.73 -26.52 -2.49
N PHE A 60 -8.90 -25.79 -1.83
CA PHE A 60 -8.12 -24.70 -2.53
C PHE A 60 -6.92 -24.32 -1.75
N ASN A 61 -5.79 -23.90 -2.21
CA ASN A 61 -4.64 -23.57 -1.46
C ASN A 61 -4.24 -22.16 -1.51
N GLY A 62 -4.64 -21.41 -2.46
CA GLY A 62 -4.19 -19.98 -2.51
C GLY A 62 -2.84 -19.91 -3.17
N SER A 63 -2.51 -20.81 -4.05
CA SER A 63 -1.35 -20.91 -4.83
C SER A 63 -1.01 -19.70 -5.74
N GLU A 64 -2.08 -19.20 -6.36
CA GLU A 64 -1.95 -18.19 -7.48
C GLU A 64 -2.01 -16.77 -7.03
N THR A 65 -1.93 -16.60 -5.72
CA THR A 65 -1.98 -15.32 -5.06
C THR A 65 -0.65 -15.20 -4.27
N ASP A 66 0.19 -16.19 -4.41
CA ASP A 66 1.53 -16.08 -3.79
C ASP A 66 2.24 -14.90 -4.38
N VAL A 67 3.00 -14.09 -3.70
CA VAL A 67 3.63 -12.94 -4.37
C VAL A 67 4.57 -13.45 -5.45
N GLU A 68 5.07 -14.67 -5.36
CA GLU A 68 6.04 -15.04 -6.45
C GLU A 68 5.23 -15.14 -7.72
N CYS A 69 4.03 -15.57 -7.62
CA CYS A 69 3.18 -15.80 -8.80
C CYS A 69 2.68 -14.45 -9.32
N PHE A 70 2.34 -13.60 -8.37
CA PHE A 70 1.74 -12.28 -8.70
C PHE A 70 2.75 -11.45 -9.50
N LEU A 71 4.03 -11.44 -9.14
CA LEU A 71 5.01 -10.60 -9.81
C LEU A 71 5.80 -11.46 -10.79
N GLY A 72 5.50 -12.74 -10.86
CA GLY A 72 6.35 -13.60 -11.68
C GLY A 72 6.00 -13.78 -13.10
N ARG A 73 5.27 -12.98 -13.79
CA ARG A 73 5.03 -13.23 -15.29
C ARG A 73 5.70 -12.08 -15.98
N ALA A 74 6.13 -12.23 -17.18
CA ALA A 74 6.77 -11.13 -17.95
C ALA A 74 5.82 -9.97 -18.18
N ALA A 75 6.18 -8.75 -17.98
CA ALA A 75 5.37 -7.54 -18.28
C ALA A 75 6.19 -6.68 -19.23
N CYS A 76 5.56 -5.95 -20.13
CA CYS A 76 6.36 -5.06 -21.05
C CYS A 76 6.84 -3.88 -20.22
N VAL A 77 8.09 -3.62 -20.21
CA VAL A 77 8.55 -2.51 -19.34
C VAL A 77 9.08 -1.40 -20.21
N HIS A 78 9.23 -1.55 -21.50
CA HIS A 78 9.92 -0.47 -22.29
C HIS A 78 9.80 -0.73 -23.77
N VAL A 79 9.48 0.31 -24.52
CA VAL A 79 9.51 0.11 -26.00
C VAL A 79 10.41 1.19 -26.56
N THR A 80 11.42 0.95 -27.24
CA THR A 80 12.31 1.98 -27.82
C THR A 80 12.41 1.70 -29.29
N GLU A 81 13.20 2.49 -29.98
CA GLU A 81 13.42 2.23 -31.43
C GLU A 81 14.74 2.87 -31.92
N ILE A 82 15.35 2.14 -32.80
CA ILE A 82 16.62 2.47 -33.44
C ILE A 82 16.46 2.24 -34.93
N GLN A 83 17.25 2.90 -35.79
CA GLN A 83 17.18 2.56 -37.23
C GLN A 83 18.55 2.26 -37.87
N ASN A 84 18.48 1.51 -38.94
CA ASN A 84 19.73 1.17 -39.67
C ASN A 84 19.64 2.12 -40.86
N LYS A 85 20.60 2.97 -40.97
CA LYS A 85 20.59 3.90 -42.17
C LYS A 85 21.99 4.40 -42.35
N ASP A 86 22.31 5.02 -43.47
CA ASP A 86 23.67 5.54 -43.69
C ASP A 86 24.01 6.69 -42.71
N ALA A 87 25.08 6.47 -41.91
CA ALA A 87 25.37 7.48 -40.87
C ALA A 87 26.21 8.61 -41.45
N THR A 88 26.52 8.38 -42.71
CA THR A 88 27.31 9.40 -43.42
C THR A 88 26.64 10.77 -43.28
N GLY A 89 27.52 11.67 -42.75
CA GLY A 89 27.08 13.05 -42.41
C GLY A 89 26.13 13.18 -41.24
N ILE A 90 26.14 12.21 -40.28
CA ILE A 90 25.11 12.40 -39.18
C ILE A 90 25.96 12.95 -38.06
N ASP A 91 25.47 14.08 -37.55
CA ASP A 91 26.45 14.65 -36.49
C ASP A 91 26.14 14.10 -35.16
N ASN A 92 25.03 13.35 -35.05
CA ASN A 92 24.62 12.93 -33.67
C ASN A 92 23.81 11.64 -33.77
N HIS A 93 24.61 10.57 -33.67
CA HIS A 93 24.05 9.24 -33.91
C HIS A 93 22.89 9.00 -32.96
N ARG A 94 23.19 9.49 -31.76
CA ARG A 94 22.19 9.19 -30.67
C ARG A 94 20.89 9.83 -31.10
N GLU A 95 21.08 11.06 -31.60
CA GLU A 95 19.91 11.77 -32.05
C GLU A 95 19.25 11.23 -33.27
N ALA A 96 19.91 10.49 -34.13
CA ALA A 96 19.30 9.92 -35.37
C ALA A 96 18.70 8.55 -35.08
N LYS A 97 18.68 8.15 -33.79
CA LYS A 97 18.32 6.82 -33.38
C LYS A 97 19.25 5.80 -34.13
N LEU A 98 20.48 6.19 -34.29
CA LEU A 98 21.43 5.23 -34.90
C LEU A 98 21.82 4.18 -33.88
N PHE A 99 21.30 4.44 -32.73
CA PHE A 99 21.55 3.65 -31.54
C PHE A 99 20.91 4.40 -30.42
N ASN A 100 19.77 3.93 -29.98
CA ASN A 100 19.12 4.55 -28.82
C ASN A 100 19.74 3.99 -27.53
N ASP A 101 19.20 4.42 -26.43
CA ASP A 101 19.70 3.98 -25.12
C ASP A 101 18.54 4.17 -24.14
N TRP A 102 18.52 3.41 -23.08
CA TRP A 102 17.35 3.44 -22.17
C TRP A 102 17.84 3.52 -20.75
N LYS A 103 17.32 4.46 -20.01
CA LYS A 103 17.74 4.63 -18.63
C LYS A 103 17.02 3.64 -17.79
N ILE A 104 17.53 2.44 -17.75
CA ILE A 104 16.83 1.34 -17.05
C ILE A 104 16.04 1.85 -15.87
N ASN A 105 14.86 1.32 -15.77
CA ASN A 105 13.90 1.78 -14.79
C ASN A 105 12.71 0.84 -14.91
N LEU A 106 11.83 0.84 -13.95
CA LEU A 106 10.74 -0.17 -13.98
C LEU A 106 9.38 0.42 -13.72
N SER A 107 9.34 1.74 -13.77
CA SER A 107 8.09 2.50 -13.57
C SER A 107 7.69 3.30 -14.80
N SER A 108 8.37 3.13 -15.92
CA SER A 108 7.98 3.93 -17.12
C SER A 108 6.60 3.50 -17.63
N LEU A 109 6.30 2.22 -17.56
CA LEU A 109 4.95 1.73 -18.02
C LEU A 109 4.19 1.31 -16.78
N VAL A 110 2.89 1.48 -16.80
CA VAL A 110 2.15 1.41 -15.52
C VAL A 110 1.48 0.09 -15.13
N GLN A 111 1.17 -0.79 -16.01
CA GLN A 111 0.51 -2.01 -15.55
C GLN A 111 1.37 -2.64 -14.45
N LEU A 112 2.62 -3.03 -14.77
CA LEU A 112 3.49 -3.59 -13.75
C LEU A 112 3.72 -2.61 -12.61
N ARG A 113 3.84 -1.33 -12.83
CA ARG A 113 4.13 -0.38 -11.73
C ARG A 113 3.11 -0.43 -10.64
N LYS A 114 1.84 -0.42 -10.94
CA LYS A 114 0.82 -0.44 -9.86
C LYS A 114 0.99 -1.70 -9.05
N LYS A 115 1.26 -2.84 -9.67
CA LYS A 115 1.47 -4.13 -9.03
C LYS A 115 2.63 -4.04 -8.05
N LEU A 116 3.80 -3.52 -8.46
CA LEU A 116 4.92 -3.46 -7.55
C LEU A 116 4.65 -2.51 -6.39
N GLU A 117 3.88 -1.46 -6.65
CA GLU A 117 3.82 -0.40 -5.58
C GLU A 117 2.77 -0.72 -4.56
N LEU A 118 2.36 -1.96 -4.54
CA LEU A 118 1.43 -2.51 -3.51
C LEU A 118 2.28 -2.83 -2.26
N PHE A 119 3.58 -2.85 -2.37
CA PHE A 119 4.64 -3.11 -1.45
C PHE A 119 5.60 -1.92 -1.34
N THR A 120 6.30 -1.76 -0.22
CA THR A 120 7.25 -0.69 -0.03
C THR A 120 8.63 -1.05 -0.46
N TYR A 121 9.16 -2.21 -0.12
CA TYR A 121 10.50 -2.72 -0.47
C TYR A 121 10.27 -4.05 -1.21
N VAL A 122 11.08 -4.31 -2.17
CA VAL A 122 10.80 -5.58 -3.02
C VAL A 122 12.14 -6.08 -3.34
N ARG A 123 12.39 -7.35 -3.40
CA ARG A 123 13.73 -7.91 -3.74
C ARG A 123 13.49 -9.06 -4.70
N PHE A 124 14.18 -9.14 -5.83
CA PHE A 124 13.96 -10.22 -6.78
C PHE A 124 15.06 -10.27 -7.81
N ASP A 125 15.25 -11.38 -8.51
CA ASP A 125 16.14 -11.47 -9.68
C ASP A 125 15.30 -11.09 -10.89
N SER A 126 15.84 -10.64 -11.95
CA SER A 126 15.05 -10.25 -13.11
C SER A 126 15.32 -11.18 -14.24
N GLU A 127 14.32 -11.52 -14.96
CA GLU A 127 14.59 -12.24 -16.23
C GLU A 127 14.15 -11.31 -17.32
N TYR A 128 14.98 -10.84 -18.23
CA TYR A 128 14.57 -9.96 -19.33
C TYR A 128 14.28 -10.70 -20.60
N THR A 129 13.24 -10.41 -21.34
CA THR A 129 13.09 -10.98 -22.74
C THR A 129 13.10 -9.76 -23.61
N ILE A 130 13.78 -9.74 -24.71
CA ILE A 130 13.81 -8.54 -25.58
C ILE A 130 13.29 -8.95 -26.94
N LEU A 131 12.19 -8.48 -27.39
CA LEU A 131 11.67 -8.82 -28.76
C LEU A 131 12.03 -7.64 -29.65
N ALA A 132 12.50 -7.80 -30.83
CA ALA A 132 12.88 -6.76 -31.79
C ALA A 132 12.17 -7.00 -33.09
N THR A 133 11.38 -6.16 -33.63
CA THR A 133 10.73 -6.50 -34.97
C THR A 133 11.10 -5.43 -35.92
N ALA A 134 11.12 -5.67 -37.23
CA ALA A 134 11.56 -4.56 -38.13
C ALA A 134 10.37 -4.11 -38.94
N SER A 135 10.40 -2.89 -39.34
CA SER A 135 9.45 -2.18 -40.16
C SER A 135 10.22 -1.49 -41.31
N GLN A 136 9.57 -1.46 -42.42
CA GLN A 136 10.19 -0.78 -43.63
C GLN A 136 9.12 0.09 -44.25
N PRO A 137 8.81 1.18 -43.56
CA PRO A 137 7.73 2.06 -44.00
C PRO A 137 7.97 2.59 -45.37
N ASP A 138 9.13 2.64 -45.97
CA ASP A 138 9.04 3.23 -47.36
C ASP A 138 9.84 2.42 -48.34
N SER A 139 9.16 1.96 -49.34
CA SER A 139 9.77 1.29 -50.46
C SER A 139 11.09 0.63 -50.27
N ALA A 140 11.09 -0.70 -50.13
CA ALA A 140 12.40 -1.43 -50.03
C ALA A 140 12.29 -2.63 -50.96
N ASN A 141 13.38 -3.11 -51.48
CA ASN A 141 13.27 -4.28 -52.37
C ASN A 141 13.01 -5.55 -51.57
N TYR A 142 13.52 -5.44 -50.35
CA TYR A 142 13.51 -6.52 -49.42
C TYR A 142 13.64 -6.09 -47.98
N SER A 143 13.55 -7.15 -47.17
CA SER A 143 13.67 -7.07 -45.69
C SER A 143 15.06 -7.46 -45.28
N SER A 144 15.85 -6.61 -44.70
CA SER A 144 17.32 -7.16 -44.55
C SER A 144 17.44 -7.98 -43.33
N ASN A 145 18.53 -8.73 -43.07
CA ASN A 145 18.55 -9.36 -41.72
C ASN A 145 19.68 -8.80 -40.89
N LEU A 146 19.16 -8.04 -39.94
CA LEU A 146 19.83 -7.27 -38.96
C LEU A 146 20.05 -8.06 -37.66
N VAL A 147 21.17 -7.82 -37.06
CA VAL A 147 21.52 -8.36 -35.75
C VAL A 147 21.51 -7.20 -34.78
N VAL A 148 20.79 -7.20 -33.70
CA VAL A 148 20.81 -6.14 -32.68
C VAL A 148 21.90 -6.39 -31.67
N GLN A 149 22.48 -5.49 -31.03
CA GLN A 149 23.47 -5.75 -29.93
C GLN A 149 23.02 -4.83 -28.79
N ALA A 150 22.57 -5.39 -27.71
CA ALA A 150 22.13 -4.59 -26.56
C ALA A 150 23.23 -4.65 -25.51
N MET A 151 23.73 -3.52 -25.05
CA MET A 151 24.82 -3.55 -24.05
C MET A 151 24.36 -3.09 -22.70
N TYR A 152 24.98 -3.57 -21.67
CA TYR A 152 24.61 -3.09 -20.35
C TYR A 152 25.61 -2.02 -19.98
N VAL A 153 25.21 -0.78 -19.92
CA VAL A 153 26.20 0.24 -19.56
C VAL A 153 25.96 0.73 -18.16
N PRO A 154 26.48 0.07 -17.14
CA PRO A 154 26.26 0.51 -15.77
C PRO A 154 26.97 1.79 -15.63
N PRO A 155 26.61 2.52 -14.58
CA PRO A 155 27.06 3.88 -14.29
C PRO A 155 28.50 3.92 -13.91
N GLY A 156 29.30 4.55 -14.74
CA GLY A 156 30.74 4.71 -14.44
C GLY A 156 31.55 4.21 -15.62
N ALA A 157 30.83 3.72 -16.56
CA ALA A 157 31.41 3.12 -17.73
C ALA A 157 30.91 3.86 -18.93
N PRO A 158 31.87 4.16 -19.80
CA PRO A 158 31.79 4.93 -21.03
C PRO A 158 30.61 4.70 -21.77
N ASN A 159 29.99 5.75 -22.04
CA ASN A 159 28.80 5.54 -22.72
C ASN A 159 28.94 5.94 -24.18
N PRO A 160 28.29 5.13 -25.03
CA PRO A 160 28.50 5.15 -26.46
C PRO A 160 28.19 6.45 -27.05
N LYS A 161 29.03 6.84 -27.98
CA LYS A 161 28.83 8.09 -28.61
C LYS A 161 28.43 7.90 -30.03
N GLU A 162 29.04 7.10 -30.77
CA GLU A 162 28.58 6.79 -32.13
C GLU A 162 28.07 5.40 -32.16
N TRP A 163 27.47 4.98 -33.25
CA TRP A 163 26.92 3.61 -33.27
C TRP A 163 28.00 2.63 -33.45
N ASP A 164 29.24 3.12 -33.64
CA ASP A 164 30.32 2.09 -33.69
C ASP A 164 31.60 2.40 -32.96
N ASP A 165 31.62 3.13 -31.86
CA ASP A 165 32.55 3.47 -30.86
C ASP A 165 33.35 2.26 -30.35
N TYR A 166 34.37 2.62 -29.58
CA TYR A 166 35.20 1.50 -28.96
C TYR A 166 34.31 0.87 -27.92
N THR A 167 33.38 1.66 -27.35
CA THR A 167 32.47 1.19 -26.31
C THR A 167 31.81 -0.14 -26.62
N TRP A 168 31.44 -0.28 -27.91
CA TRP A 168 30.70 -1.48 -28.32
C TRP A 168 31.54 -2.71 -28.25
N GLN A 169 32.81 -2.57 -28.03
CA GLN A 169 33.75 -3.72 -27.90
C GLN A 169 33.26 -4.55 -26.70
N SER A 170 32.83 -3.76 -25.75
CA SER A 170 32.18 -4.31 -24.52
C SER A 170 32.99 -5.46 -23.98
N ALA A 171 34.23 -5.22 -23.67
CA ALA A 171 35.15 -6.27 -23.24
C ALA A 171 34.90 -6.67 -21.80
N SER A 172 34.33 -5.76 -21.04
CA SER A 172 34.07 -6.11 -19.64
C SER A 172 32.61 -6.02 -19.34
N ASN A 173 31.75 -5.66 -20.17
CA ASN A 173 30.30 -5.32 -19.95
C ASN A 173 29.46 -6.32 -20.62
N PRO A 174 28.52 -6.96 -19.97
CA PRO A 174 27.77 -8.08 -20.63
C PRO A 174 27.04 -7.59 -21.82
N SER A 175 27.21 -8.23 -22.96
CA SER A 175 26.26 -7.76 -24.11
C SER A 175 25.71 -8.98 -24.81
N VAL A 176 24.51 -8.98 -25.38
CA VAL A 176 23.89 -10.06 -26.08
C VAL A 176 23.70 -9.63 -27.58
N PHE A 177 23.94 -10.44 -28.54
CA PHE A 177 23.70 -10.15 -29.98
C PHE A 177 22.57 -11.07 -30.42
N PHE A 178 21.48 -10.67 -30.88
CA PHE A 178 20.40 -11.57 -31.40
C PHE A 178 19.88 -11.02 -32.69
N LYS A 179 19.04 -11.69 -33.41
CA LYS A 179 18.53 -11.22 -34.72
C LYS A 179 17.19 -10.52 -34.54
N VAL A 180 17.02 -9.49 -35.34
CA VAL A 180 15.68 -8.80 -35.36
C VAL A 180 14.61 -9.84 -35.63
N GLY A 181 13.48 -9.89 -34.97
CA GLY A 181 12.43 -10.91 -35.30
C GLY A 181 12.52 -12.02 -34.28
N ASP A 182 13.73 -12.21 -33.78
CA ASP A 182 13.94 -13.13 -32.68
C ASP A 182 13.87 -12.30 -31.40
N THR A 183 14.11 -13.00 -30.36
CA THR A 183 14.07 -12.67 -28.97
C THR A 183 15.32 -12.99 -28.25
N SER A 184 15.65 -12.22 -27.29
CA SER A 184 16.94 -12.53 -26.52
C SER A 184 16.50 -12.71 -25.11
N ARG A 185 17.12 -13.50 -24.32
CA ARG A 185 16.66 -13.74 -22.96
C ARG A 185 17.79 -14.03 -22.05
N PHE A 186 17.90 -13.42 -20.97
CA PHE A 186 19.00 -13.71 -20.03
C PHE A 186 18.49 -13.25 -18.72
N SER A 187 19.24 -13.38 -17.67
CA SER A 187 18.52 -13.06 -16.28
C SER A 187 19.57 -12.37 -15.51
N VAL A 188 19.27 -11.38 -14.75
CA VAL A 188 20.33 -10.60 -14.00
C VAL A 188 20.01 -10.78 -12.54
N PRO A 189 20.96 -11.03 -11.66
CA PRO A 189 20.75 -11.18 -10.24
C PRO A 189 20.20 -9.89 -9.66
N TYR A 190 19.74 -9.87 -8.46
CA TYR A 190 19.28 -8.61 -7.81
C TYR A 190 20.48 -7.67 -7.63
N VAL A 191 20.58 -6.61 -8.46
CA VAL A 191 21.63 -5.67 -8.42
C VAL A 191 21.47 -4.48 -7.49
N GLY A 192 20.51 -4.47 -6.63
CA GLY A 192 20.34 -3.31 -5.69
C GLY A 192 21.51 -3.10 -4.79
N LEU A 193 21.78 -1.88 -4.34
CA LEU A 193 22.84 -1.60 -3.43
C LEU A 193 22.39 -1.99 -2.01
N ALA A 194 21.15 -1.85 -1.64
CA ALA A 194 20.71 -2.17 -0.24
C ALA A 194 20.18 -3.58 -0.16
N SER A 195 19.34 -3.86 0.80
CA SER A 195 18.89 -5.26 1.00
C SER A 195 17.69 -5.50 0.15
N ALA A 196 17.00 -4.45 -0.24
CA ALA A 196 15.78 -4.52 -1.08
C ALA A 196 15.77 -3.29 -1.99
N TYR A 197 14.96 -3.24 -2.99
CA TYR A 197 14.82 -2.02 -3.84
C TYR A 197 13.80 -1.13 -3.14
N ASN A 198 13.93 0.16 -3.05
CA ASN A 198 12.82 0.92 -2.37
C ASN A 198 11.75 1.20 -3.44
N CYS A 199 10.54 0.79 -3.26
CA CYS A 199 9.46 1.20 -4.11
C CYS A 199 9.12 2.68 -3.78
N PHE A 200 9.48 3.14 -2.63
CA PHE A 200 9.21 4.50 -2.22
C PHE A 200 10.39 4.94 -1.37
N TYR A 201 10.60 6.23 -1.30
CA TYR A 201 11.76 6.71 -0.50
C TYR A 201 11.45 8.11 -0.02
N ASP A 202 11.18 8.34 1.26
CA ASP A 202 10.80 9.77 1.58
C ASP A 202 12.09 10.37 2.02
N GLY A 203 12.97 10.59 1.03
CA GLY A 203 14.30 11.22 1.42
C GLY A 203 14.92 11.94 0.22
N TYR A 204 16.12 12.40 0.40
CA TYR A 204 16.97 13.11 -0.53
C TYR A 204 18.33 12.43 -0.62
N SER A 205 19.21 12.82 -1.52
CA SER A 205 20.49 12.16 -1.64
C SER A 205 21.45 12.82 -0.65
N HIS A 206 21.03 14.00 -0.28
CA HIS A 206 21.84 14.70 0.78
C HIS A 206 21.01 15.86 1.24
N ASP A 207 21.46 16.52 2.29
CA ASP A 207 20.62 17.62 2.82
C ASP A 207 20.93 18.85 1.98
N ASP A 208 20.52 18.88 0.78
CA ASP A 208 20.70 20.05 -0.12
C ASP A 208 19.37 20.78 -0.15
N ALA A 209 19.36 22.05 -0.42
CA ALA A 209 18.08 22.74 -0.38
C ALA A 209 17.31 22.54 -1.68
N GLU A 210 17.96 22.15 -2.69
CA GLU A 210 17.26 22.10 -3.99
C GLU A 210 17.44 20.71 -4.55
N THR A 211 17.95 19.73 -3.78
CA THR A 211 18.16 18.40 -4.51
C THR A 211 16.84 17.74 -4.78
N GLN A 212 16.77 16.80 -5.72
CA GLN A 212 15.47 16.17 -6.13
C GLN A 212 15.04 15.26 -4.95
N TYR A 213 13.75 15.07 -4.81
CA TYR A 213 13.11 14.24 -3.76
C TYR A 213 12.63 12.96 -4.40
N GLY A 214 12.62 11.84 -3.70
CA GLY A 214 12.07 10.63 -4.35
C GLY A 214 13.09 9.51 -4.39
N ILE A 215 12.97 8.66 -5.39
CA ILE A 215 13.82 7.44 -5.46
C ILE A 215 14.74 7.55 -6.67
N THR A 216 14.31 8.33 -7.60
CA THR A 216 15.15 8.71 -8.76
C THR A 216 16.64 8.73 -8.35
N VAL A 217 16.88 9.17 -7.13
CA VAL A 217 18.27 9.31 -6.58
C VAL A 217 18.81 7.99 -6.05
N LEU A 218 17.91 7.10 -5.73
CA LEU A 218 18.24 5.79 -5.12
C LEU A 218 18.33 4.67 -6.17
N ASN A 219 17.42 4.71 -7.10
CA ASN A 219 17.30 3.66 -8.13
C ASN A 219 18.22 3.91 -9.28
N HIS A 220 19.42 4.09 -8.90
CA HIS A 220 20.49 4.33 -9.82
C HIS A 220 20.98 3.12 -10.46
N MET A 221 20.32 2.76 -11.45
CA MET A 221 20.65 1.47 -12.07
C MET A 221 21.49 1.54 -13.33
N GLY A 222 21.67 2.71 -13.86
CA GLY A 222 22.46 2.80 -15.10
C GLY A 222 21.53 2.56 -16.29
N GLY A 223 22.05 2.54 -17.50
CA GLY A 223 21.17 2.40 -18.69
C GLY A 223 21.63 1.23 -19.57
N MET A 224 20.84 0.94 -20.59
CA MET A 224 21.13 -0.21 -21.46
C MET A 224 21.10 0.29 -22.90
N ALA A 225 22.10 -0.04 -23.69
CA ALA A 225 22.22 0.57 -25.04
C ALA A 225 22.03 -0.43 -26.17
N PHE A 226 21.17 -0.08 -27.10
CA PHE A 226 20.90 -0.95 -28.25
C PHE A 226 21.44 -0.37 -29.55
N ARG A 227 21.84 -1.17 -30.47
CA ARG A 227 22.26 -0.67 -31.80
C ARG A 227 22.11 -1.82 -32.78
N ILE A 228 22.13 -1.56 -34.05
CA ILE A 228 22.17 -2.64 -35.10
C ILE A 228 23.60 -2.86 -35.47
N VAL A 229 23.97 -4.12 -35.71
CA VAL A 229 25.47 -4.28 -35.94
C VAL A 229 25.64 -4.04 -37.40
N ASN A 230 24.62 -4.33 -38.23
CA ASN A 230 24.75 -4.25 -39.68
C ASN A 230 25.06 -2.82 -40.17
N GLU A 231 25.85 -2.79 -41.26
CA GLU A 231 26.04 -1.51 -41.96
C GLU A 231 24.70 -1.32 -42.72
N HIS A 232 24.63 -0.19 -43.43
CA HIS A 232 23.42 0.15 -44.13
C HIS A 232 23.35 -0.47 -45.53
N ASP A 233 22.04 -0.80 -45.80
CA ASP A 233 21.62 -1.23 -47.12
C ASP A 233 21.11 0.07 -47.81
N GLU A 234 20.58 -0.19 -49.01
CA GLU A 234 20.05 0.99 -49.77
C GLU A 234 18.84 1.49 -49.09
N HIS A 235 17.91 0.73 -48.54
CA HIS A 235 16.73 1.40 -47.90
C HIS A 235 17.01 1.60 -46.41
N LYS A 236 16.02 2.10 -45.74
CA LYS A 236 16.16 2.38 -44.27
C LYS A 236 15.36 1.35 -43.54
N THR A 237 15.68 0.96 -42.36
CA THR A 237 14.91 -0.10 -41.68
C THR A 237 14.68 0.39 -40.24
N LEU A 238 13.44 0.37 -39.83
CA LEU A 238 13.10 0.77 -38.44
C LEU A 238 13.03 -0.50 -37.62
N VAL A 239 13.76 -0.48 -36.51
CA VAL A 239 13.72 -1.69 -35.60
C VAL A 239 13.16 -1.16 -34.30
N LYS A 240 12.17 -1.81 -33.79
CA LYS A 240 11.51 -1.29 -32.53
C LYS A 240 11.76 -2.38 -31.48
N ILE A 241 12.35 -1.96 -30.38
CA ILE A 241 12.71 -2.88 -29.27
C ILE A 241 11.70 -2.81 -28.15
N ARG A 242 11.23 -4.02 -27.75
CA ARG A 242 10.35 -4.17 -26.57
C ARG A 242 11.05 -5.02 -25.48
N VAL A 243 11.26 -4.44 -24.31
CA VAL A 243 11.88 -5.14 -23.20
C VAL A 243 10.82 -5.67 -22.26
N TYR A 244 10.78 -6.94 -21.96
CA TYR A 244 9.84 -7.55 -20.99
C TYR A 244 10.57 -7.89 -19.72
N HIS A 245 9.99 -7.75 -18.55
CA HIS A 245 10.68 -8.08 -17.30
C HIS A 245 9.84 -9.01 -16.45
N ARG A 246 10.38 -10.07 -15.93
CA ARG A 246 9.74 -11.06 -15.06
C ARG A 246 10.52 -11.15 -13.76
N ALA A 247 9.91 -10.93 -12.66
CA ALA A 247 10.55 -11.08 -11.36
C ALA A 247 10.60 -12.57 -11.01
N LYS A 248 11.76 -13.05 -10.55
CA LYS A 248 11.86 -14.47 -10.06
C LYS A 248 12.57 -14.36 -8.72
N HIS A 249 12.13 -15.19 -7.78
CA HIS A 249 12.66 -15.23 -6.40
C HIS A 249 12.24 -14.00 -5.65
N VAL A 250 10.96 -13.69 -5.64
CA VAL A 250 10.42 -12.46 -5.09
C VAL A 250 10.33 -12.34 -3.61
N GLU A 251 10.60 -11.22 -3.06
CA GLU A 251 10.41 -11.06 -1.55
C GLU A 251 9.84 -9.67 -1.37
N ALA A 252 8.73 -9.47 -0.70
CA ALA A 252 8.11 -8.13 -0.64
C ALA A 252 7.81 -7.73 0.75
N TRP A 253 8.02 -6.55 1.25
CA TRP A 253 7.69 -6.18 2.62
C TRP A 253 6.78 -4.96 2.65
N ILE A 254 5.99 -4.85 3.66
CA ILE A 254 5.12 -3.76 4.02
C ILE A 254 4.11 -3.35 3.01
N PRO A 255 2.92 -3.94 3.01
CA PRO A 255 1.85 -3.63 2.01
C PRO A 255 1.40 -2.21 2.13
N ARG A 256 0.96 -1.56 1.08
CA ARG A 256 0.46 -0.16 1.15
C ARG A 256 -0.84 -0.05 0.40
N ALA A 257 -1.53 1.03 0.50
CA ALA A 257 -2.79 1.32 -0.20
C ALA A 257 -2.57 1.32 -1.70
N PRO A 258 -3.45 0.76 -2.55
CA PRO A 258 -3.18 0.69 -4.00
C PRO A 258 -3.20 2.05 -4.61
N ARG A 259 -2.59 2.29 -5.76
CA ARG A 259 -2.60 3.54 -6.45
C ARG A 259 -3.99 3.93 -6.95
N ALA A 260 -4.51 5.08 -6.63
CA ALA A 260 -5.84 5.46 -7.06
C ALA A 260 -5.74 6.42 -8.22
N LEU A 261 -4.97 7.50 -8.16
CA LEU A 261 -4.92 8.49 -9.27
C LEU A 261 -3.87 8.02 -10.29
N PRO A 262 -3.92 8.65 -11.45
CA PRO A 262 -3.01 8.35 -12.56
C PRO A 262 -1.64 8.82 -12.17
N TYR A 263 -0.65 8.30 -12.87
CA TYR A 263 0.76 8.61 -12.68
C TYR A 263 1.20 9.73 -13.65
N THR A 264 2.19 10.48 -13.29
CA THR A 264 2.65 11.58 -14.13
C THR A 264 4.11 11.43 -14.40
N SER A 265 4.86 10.86 -13.49
CA SER A 265 6.36 10.82 -13.62
C SER A 265 7.02 9.57 -13.16
N ILE A 266 8.15 9.13 -13.73
CA ILE A 266 8.91 8.00 -13.20
C ILE A 266 9.47 8.48 -11.85
N GLY A 267 9.12 7.74 -10.82
CA GLY A 267 9.75 7.96 -9.53
C GLY A 267 9.17 8.98 -8.65
N ARG A 268 8.09 9.65 -9.07
CA ARG A 268 7.48 10.53 -8.00
C ARG A 268 6.05 10.07 -7.92
N THR A 269 5.45 10.34 -6.80
CA THR A 269 4.11 9.94 -6.44
C THR A 269 3.02 10.84 -6.95
N ASN A 270 3.48 11.99 -7.51
CA ASN A 270 2.67 13.01 -8.06
C ASN A 270 1.54 12.47 -9.04
N TYR A 271 0.42 13.07 -8.85
CA TYR A 271 -0.77 12.86 -9.65
C TYR A 271 -1.11 14.19 -10.35
N PRO A 272 -1.83 14.10 -11.46
CA PRO A 272 -2.21 15.25 -12.24
C PRO A 272 -3.23 16.16 -11.64
N LYS A 273 -3.18 17.49 -11.89
CA LYS A 273 -4.17 18.43 -11.32
C LYS A 273 -5.51 18.37 -11.98
N ASN A 274 -6.54 18.72 -11.26
CA ASN A 274 -7.89 18.58 -11.95
C ASN A 274 -7.72 17.16 -12.67
N THR A 275 -7.89 16.26 -11.74
CA THR A 275 -7.91 14.81 -12.10
C THR A 275 -9.36 14.44 -12.06
N GLU A 276 -9.92 13.28 -12.21
CA GLU A 276 -11.44 13.18 -12.00
C GLU A 276 -11.74 12.40 -10.78
N PRO A 277 -12.91 12.56 -10.27
CA PRO A 277 -13.30 11.77 -9.01
C PRO A 277 -13.05 10.30 -9.38
N VAL A 278 -12.38 9.64 -8.46
CA VAL A 278 -12.02 8.21 -8.66
C VAL A 278 -13.08 7.37 -8.04
N ILE A 279 -13.91 7.84 -7.13
CA ILE A 279 -14.98 6.96 -6.59
C ILE A 279 -16.23 7.13 -7.41
N LYS A 280 -16.82 6.19 -8.02
CA LYS A 280 -18.05 6.25 -8.85
C LYS A 280 -19.23 6.80 -8.05
N LYS A 281 -19.84 7.83 -8.50
CA LYS A 281 -21.03 8.40 -7.83
C LYS A 281 -22.23 7.51 -8.08
N ARG A 282 -23.03 7.34 -7.02
CA ARG A 282 -24.24 6.57 -7.15
C ARG A 282 -25.20 7.17 -8.15
N LYS A 283 -25.89 6.23 -8.78
CA LYS A 283 -27.06 6.86 -9.70
C LYS A 283 -28.23 6.69 -8.79
N GLY A 284 -28.47 7.53 -7.84
CA GLY A 284 -29.59 7.31 -6.88
C GLY A 284 -29.06 7.66 -5.50
N ASP A 285 -29.78 7.43 -4.47
CA ASP A 285 -29.54 7.48 -3.14
C ASP A 285 -28.48 6.68 -2.49
N ILE A 286 -28.32 7.05 -1.15
CA ILE A 286 -27.43 6.09 -0.39
C ILE A 286 -28.24 4.73 -0.35
N LYS A 287 -29.56 4.93 -0.28
CA LYS A 287 -30.46 3.82 -0.15
C LYS A 287 -30.57 2.98 -1.40
N SER A 288 -30.11 3.42 -2.54
CA SER A 288 -30.23 2.67 -3.81
C SER A 288 -29.65 1.33 -3.95
N TYR A 289 -30.12 0.41 -4.74
CA TYR A 289 -29.38 -0.90 -4.86
C TYR A 289 -28.43 -0.90 -6.04
N GLY B 8 -8.63 -6.77 37.50
CA GLY B 8 -9.27 -5.37 37.32
C GLY B 8 -8.41 -4.65 36.25
N TYR B 9 -7.55 -5.46 35.63
CA TYR B 9 -6.74 -4.78 34.53
C TYR B 9 -7.71 -4.57 33.44
N SER B 10 -7.70 -3.42 32.81
CA SER B 10 -8.62 -3.24 31.63
C SER B 10 -7.68 -2.97 30.48
N ASP B 11 -8.07 -3.18 29.31
CA ASP B 11 -7.41 -2.78 28.12
C ASP B 11 -7.22 -1.26 28.03
N ARG B 12 -8.09 -0.59 28.73
CA ARG B 12 -8.48 0.72 29.00
C ARG B 12 -7.55 1.60 29.78
N VAL B 13 -6.98 1.19 30.88
CA VAL B 13 -6.00 1.97 31.63
C VAL B 13 -4.60 1.51 31.35
N GLN B 14 -3.63 2.34 31.21
CA GLN B 14 -2.27 1.96 30.89
C GLN B 14 -1.28 2.95 31.42
N GLN B 15 -0.08 2.47 31.61
CA GLN B 15 1.02 3.31 32.05
C GLN B 15 2.22 2.97 31.19
N ILE B 16 2.88 3.92 30.59
CA ILE B 16 4.13 3.66 29.86
C ILE B 16 5.24 4.45 30.51
N THR B 17 6.25 3.92 31.08
CA THR B 17 7.33 4.66 31.72
C THR B 17 8.56 4.46 30.83
N LEU B 18 9.13 5.50 30.43
CA LEU B 18 10.30 5.38 29.47
C LEU B 18 11.20 6.53 29.84
N GLY B 19 12.31 6.14 30.38
CA GLY B 19 13.33 7.05 30.84
C GLY B 19 12.82 7.65 32.15
N ASN B 20 12.69 8.89 32.10
CA ASN B 20 12.42 9.76 33.30
C ASN B 20 11.07 10.36 33.13
N SER B 21 10.29 9.76 32.20
CA SER B 21 8.95 10.23 31.90
C SER B 21 7.88 9.16 31.83
N THR B 22 6.72 9.38 32.35
CA THR B 22 5.62 8.47 32.41
C THR B 22 4.33 9.06 31.90
N ILE B 23 3.55 8.29 31.22
CA ILE B 23 2.23 8.58 30.67
C ILE B 23 1.16 7.68 31.24
N THR B 24 0.05 8.16 31.67
CA THR B 24 -1.02 7.29 32.16
C THR B 24 -2.23 7.61 31.29
N THR B 25 -2.94 6.65 30.83
CA THR B 25 -4.20 6.82 30.16
C THR B 25 -5.23 5.94 30.88
N GLN B 26 -6.38 6.53 31.10
CA GLN B 26 -7.48 5.81 31.77
C GLN B 26 -8.55 5.46 30.74
N GLU B 27 -8.29 5.69 29.48
CA GLU B 27 -9.26 5.41 28.42
C GLU B 27 -8.67 5.03 27.10
N ALA B 28 -7.82 4.06 27.08
CA ALA B 28 -7.08 3.54 25.99
C ALA B 28 -7.93 2.54 25.20
N ALA B 29 -7.53 2.08 24.05
CA ALA B 29 -8.13 1.06 23.25
C ALA B 29 -6.97 0.17 22.76
N ASN B 30 -6.45 -0.53 23.74
CA ASN B 30 -5.27 -1.47 23.46
C ASN B 30 -4.13 -0.63 22.87
N ALA B 31 -3.19 -1.11 22.15
CA ALA B 31 -2.07 -0.37 21.57
C ALA B 31 -1.62 -1.23 20.37
N VAL B 32 -1.09 -0.61 19.40
CA VAL B 32 -0.70 -1.34 18.21
C VAL B 32 0.84 -1.39 18.22
N VAL B 33 1.32 -2.54 17.79
CA VAL B 33 2.80 -2.68 17.63
C VAL B 33 3.02 -3.00 16.16
N CYS B 34 3.49 -2.03 15.40
CA CYS B 34 3.61 -2.20 13.97
C CYS B 34 4.11 -3.54 13.54
N TYR B 35 3.34 -4.22 12.68
CA TYR B 35 3.80 -5.47 12.04
C TYR B 35 4.14 -6.46 13.11
N ALA B 36 3.52 -6.23 14.27
CA ALA B 36 3.71 -7.16 15.39
C ALA B 36 5.15 -7.27 15.79
N GLU B 37 6.01 -6.34 15.65
CA GLU B 37 7.37 -6.35 16.08
C GLU B 37 7.72 -5.19 16.97
N TRP B 38 8.42 -5.42 17.99
CA TRP B 38 8.80 -4.40 19.03
C TRP B 38 10.13 -3.87 18.77
N PRO B 39 10.44 -2.63 19.02
CA PRO B 39 11.77 -2.04 18.58
C PRO B 39 12.91 -2.86 19.16
N GLU B 40 13.99 -3.19 18.56
CA GLU B 40 15.16 -3.85 19.09
C GLU B 40 16.47 -3.27 18.51
N TYR B 41 17.61 -3.41 19.14
CA TYR B 41 18.85 -2.84 18.58
C TYR B 41 19.30 -3.66 17.36
N LEU B 42 20.36 -3.07 16.76
CA LEU B 42 20.84 -3.64 15.50
C LEU B 42 21.79 -4.79 15.75
N PRO B 43 21.41 -5.96 15.39
CA PRO B 43 22.24 -7.15 15.54
C PRO B 43 23.49 -7.14 14.68
N ASP B 44 24.56 -7.81 15.09
CA ASP B 44 25.81 -7.83 14.33
C ASP B 44 25.65 -8.48 12.96
N VAL B 45 24.82 -9.48 12.95
CA VAL B 45 24.68 -10.29 11.70
C VAL B 45 24.12 -9.34 10.63
N ASP B 46 23.42 -8.31 11.04
CA ASP B 46 22.84 -7.33 10.12
C ASP B 46 23.67 -6.06 9.90
N ALA B 47 24.69 -5.86 10.66
CA ALA B 47 25.57 -4.73 10.66
C ALA B 47 26.48 -4.67 9.45
N SER B 48 26.86 -3.47 9.06
CA SER B 48 27.76 -3.20 7.98
C SER B 48 28.85 -2.20 8.40
N ASP B 49 28.46 -1.03 8.78
CA ASP B 49 29.43 -0.01 9.29
C ASP B 49 30.23 -0.63 10.44
N VAL B 50 31.57 -0.47 10.49
CA VAL B 50 32.34 -1.17 11.51
C VAL B 50 32.38 -0.40 12.80
N ASN B 51 31.79 0.75 12.84
CA ASN B 51 31.91 1.62 14.04
C ASN B 51 31.11 1.12 15.21
N LYS B 52 31.64 1.18 16.36
CA LYS B 52 30.84 0.77 17.62
C LYS B 52 29.74 1.76 17.73
N THR B 53 28.49 1.55 18.03
CA THR B 53 27.48 2.65 18.06
C THR B 53 27.31 3.25 19.40
N SER B 54 26.59 4.36 19.59
CA SER B 54 26.48 5.03 20.94
C SER B 54 25.05 4.85 21.36
N LYS B 55 24.83 4.48 22.60
CA LYS B 55 23.36 4.21 22.94
C LYS B 55 23.06 5.03 24.15
N PRO B 56 22.68 6.27 23.97
CA PRO B 56 22.50 7.22 25.07
C PRO B 56 21.43 6.71 26.01
N ASP B 57 20.66 5.70 25.62
CA ASP B 57 19.70 5.17 26.57
C ASP B 57 18.71 6.22 27.07
N THR B 58 18.62 6.32 28.41
CA THR B 58 17.58 7.10 29.06
C THR B 58 17.60 8.56 28.75
N SER B 59 18.62 9.11 28.22
CA SER B 59 18.67 10.56 27.94
C SER B 59 18.02 10.83 26.62
N VAL B 60 17.89 9.92 25.71
CA VAL B 60 17.22 10.06 24.45
C VAL B 60 15.96 9.23 24.47
N CYS B 61 15.85 8.20 25.27
CA CYS B 61 14.60 7.35 25.15
C CYS B 61 13.59 7.73 26.15
N ARG B 62 13.09 8.92 26.12
CA ARG B 62 12.08 9.45 27.05
C ARG B 62 10.99 10.06 26.21
N PHE B 63 9.97 10.64 26.81
CA PHE B 63 8.80 11.14 26.01
C PHE B 63 8.89 12.60 25.73
N TYR B 64 8.94 13.02 24.48
CA TYR B 64 8.86 14.47 24.12
C TYR B 64 7.44 14.82 23.70
N THR B 65 6.80 15.80 24.33
CA THR B 65 5.44 16.22 23.88
C THR B 65 5.54 17.37 22.93
N LEU B 66 5.32 17.20 21.66
CA LEU B 66 5.20 18.26 20.67
C LEU B 66 4.08 19.27 21.04
N ASP B 67 4.26 20.45 20.43
CA ASP B 67 3.20 21.48 20.63
C ASP B 67 1.84 21.09 20.19
N SER B 68 0.82 21.57 20.89
CA SER B 68 -0.56 21.06 20.61
C SER B 68 -1.32 21.45 19.43
N LYS B 69 -2.14 20.76 18.78
CA LYS B 69 -2.97 21.19 17.61
C LYS B 69 -4.41 21.45 18.11
N THR B 70 -5.21 22.12 17.25
CA THR B 70 -6.60 22.41 17.59
C THR B 70 -7.57 21.90 16.55
N TRP B 71 -8.33 20.93 16.98
CA TRP B 71 -9.30 20.24 16.08
C TRP B 71 -10.52 21.14 16.13
N THR B 72 -10.87 21.50 14.97
CA THR B 72 -12.10 22.30 14.79
C THR B 72 -12.82 21.63 13.59
N THR B 73 -14.03 22.14 13.53
CA THR B 73 -14.93 21.54 12.54
C THR B 73 -14.40 21.67 11.18
N GLY B 74 -13.49 22.60 10.97
CA GLY B 74 -12.95 22.64 9.60
C GLY B 74 -11.67 21.91 9.38
N SER B 75 -11.15 21.21 10.36
CA SER B 75 -9.77 20.61 10.26
C SER B 75 -9.64 19.61 9.19
N LYS B 76 -8.57 19.51 8.45
CA LYS B 76 -8.43 18.45 7.46
C LYS B 76 -7.51 17.36 8.00
N GLY B 77 -6.54 17.64 8.79
CA GLY B 77 -5.69 16.51 9.36
C GLY B 77 -4.29 17.04 9.49
N TRP B 78 -3.36 16.43 10.16
CA TRP B 78 -1.95 16.96 10.29
C TRP B 78 -0.99 15.82 10.01
N CYS B 79 0.22 16.12 9.66
CA CYS B 79 1.18 15.09 9.32
C CYS B 79 2.54 15.47 9.88
N TRP B 80 3.18 14.59 10.61
CA TRP B 80 4.53 14.79 11.16
C TRP B 80 5.45 13.70 10.55
N LYS B 81 6.69 14.01 10.40
CA LYS B 81 7.65 12.99 9.89
C LYS B 81 8.63 12.65 11.00
N LEU B 82 9.14 11.42 11.06
CA LEU B 82 10.13 10.97 12.08
C LEU B 82 11.41 10.53 11.35
N PRO B 83 12.61 10.83 11.84
CA PRO B 83 12.86 11.53 13.07
C PRO B 83 12.71 13.01 13.08
N ASP B 84 12.28 13.67 12.04
CA ASP B 84 12.21 15.13 11.94
C ASP B 84 11.52 15.82 13.13
N ALA B 85 10.28 15.47 13.38
CA ALA B 85 9.54 16.03 14.47
C ALA B 85 10.40 16.12 15.68
N LEU B 86 11.34 15.27 15.89
CA LEU B 86 12.13 15.36 17.15
C LEU B 86 13.46 16.05 16.94
N LYS B 87 13.83 16.59 15.83
CA LYS B 87 15.13 17.17 15.45
C LYS B 87 15.63 18.18 16.44
N ASP B 88 14.80 18.73 17.26
CA ASP B 88 15.14 19.67 18.28
C ASP B 88 14.85 19.27 19.69
N MET B 89 14.51 18.03 20.00
CA MET B 89 14.18 17.67 21.35
C MET B 89 15.42 17.20 22.07
N GLY B 90 15.80 17.98 23.03
CA GLY B 90 16.84 17.65 24.05
C GLY B 90 18.05 17.03 23.42
N VAL B 91 18.60 16.03 24.10
CA VAL B 91 19.82 15.37 23.57
C VAL B 91 19.53 14.46 22.41
N PHE B 92 18.26 14.12 22.14
CA PHE B 92 17.93 13.24 20.99
C PHE B 92 18.42 14.00 19.75
N GLY B 93 17.90 15.20 19.66
CA GLY B 93 18.25 16.08 18.57
C GLY B 93 19.71 16.35 18.45
N GLN B 94 20.46 16.53 19.48
CA GLN B 94 21.89 16.89 19.32
C GLN B 94 22.61 15.72 18.63
N ASN B 95 22.34 14.55 19.17
CA ASN B 95 22.93 13.28 18.72
C ASN B 95 22.69 13.15 17.23
N MET B 96 21.47 13.49 16.86
CA MET B 96 20.98 13.44 15.50
C MET B 96 21.83 14.24 14.58
N PHE B 97 22.14 15.51 14.90
CA PHE B 97 22.93 16.38 14.03
C PHE B 97 24.42 16.09 14.06
N PHE B 98 24.90 15.51 15.12
CA PHE B 98 26.26 15.18 15.38
C PHE B 98 26.63 13.82 14.86
N HIS B 99 25.85 12.79 14.67
CA HIS B 99 26.40 11.56 14.07
C HIS B 99 26.00 11.45 12.62
N SER B 100 26.81 10.82 11.86
CA SER B 100 26.63 10.46 10.47
C SER B 100 25.45 9.53 10.27
N LEU B 101 25.16 8.65 11.15
CA LEU B 101 24.10 7.63 11.01
C LEU B 101 23.38 7.41 12.29
N GLY B 102 22.17 6.98 12.32
CA GLY B 102 21.52 6.78 13.69
C GLY B 102 20.38 5.83 13.36
N ARG B 103 19.72 5.33 14.34
CA ARG B 103 18.57 4.37 14.05
C ARG B 103 17.67 4.42 15.26
N SER B 104 16.34 4.26 15.08
CA SER B 104 15.49 4.35 16.28
C SER B 104 14.11 3.79 16.09
N GLY B 105 13.42 3.37 17.09
CA GLY B 105 12.02 2.94 17.02
C GLY B 105 11.30 4.00 17.87
N TYR B 106 9.99 4.01 18.00
CA TYR B 106 9.34 5.04 18.83
C TYR B 106 8.09 4.50 19.49
N THR B 107 7.66 5.13 20.57
CA THR B 107 6.32 4.91 21.09
C THR B 107 5.56 6.23 20.78
N VAL B 108 4.50 6.24 20.05
CA VAL B 108 3.71 7.45 19.73
C VAL B 108 2.44 7.42 20.56
N HIS B 109 2.14 8.47 21.26
CA HIS B 109 0.87 8.45 22.13
C HIS B 109 0.03 9.63 21.72
N VAL B 110 -1.01 9.58 20.97
CA VAL B 110 -1.84 10.77 20.57
C VAL B 110 -3.01 10.91 21.52
N GLN B 111 -3.22 12.09 22.05
CA GLN B 111 -4.20 12.39 23.08
C GLN B 111 -5.31 13.37 22.68
N CYS B 112 -6.55 13.02 22.95
CA CYS B 112 -7.65 13.95 22.68
C CYS B 112 -8.85 13.63 23.54
N ASN B 113 -9.13 14.35 24.58
CA ASN B 113 -10.30 13.99 25.44
C ASN B 113 -11.45 14.98 25.24
N ALA B 114 -12.67 14.60 25.48
CA ALA B 114 -13.86 15.43 25.22
C ALA B 114 -14.89 15.12 26.29
N THR B 115 -16.14 14.92 26.01
CA THR B 115 -17.09 14.50 27.09
C THR B 115 -18.06 13.51 26.44
N LYS B 116 -18.99 12.94 27.23
CA LYS B 116 -19.92 11.95 26.60
C LYS B 116 -20.98 12.62 25.75
N PHE B 117 -20.87 13.90 25.46
CA PHE B 117 -21.87 14.55 24.58
C PHE B 117 -21.20 14.86 23.24
N HIS B 118 -19.85 14.86 23.23
CA HIS B 118 -19.16 15.12 21.93
C HIS B 118 -19.18 13.90 21.03
N SER B 119 -18.91 14.03 19.77
CA SER B 119 -18.79 12.98 18.75
C SER B 119 -17.59 13.45 17.87
N GLY B 120 -17.05 12.54 17.19
CA GLY B 120 -15.86 12.91 16.30
C GLY B 120 -14.98 11.62 16.35
N CYS B 121 -14.20 11.40 15.37
CA CYS B 121 -13.35 10.22 15.35
C CYS B 121 -12.09 10.49 14.57
N LEU B 122 -10.89 10.39 15.07
CA LEU B 122 -9.65 10.69 14.34
C LEU B 122 -9.01 9.37 13.88
N LEU B 123 -8.34 9.28 12.79
CA LEU B 123 -7.56 8.07 12.41
C LEU B 123 -6.11 8.37 12.78
N VAL B 124 -5.40 7.60 13.49
CA VAL B 124 -3.99 7.83 13.82
C VAL B 124 -3.19 6.78 13.08
N VAL B 125 -2.40 7.06 12.08
CA VAL B 125 -1.77 5.99 11.28
C VAL B 125 -0.31 6.26 11.09
N VAL B 126 0.49 5.22 10.99
CA VAL B 126 1.95 5.38 10.75
C VAL B 126 2.26 4.86 9.37
N ILE B 127 2.80 5.62 8.45
CA ILE B 127 3.07 5.13 7.09
C ILE B 127 4.57 4.98 6.83
N PRO B 128 5.10 3.77 6.69
CA PRO B 128 6.54 3.62 6.43
C PRO B 128 6.78 4.14 5.04
N GLU B 129 7.84 4.90 4.85
CA GLU B 129 8.25 5.54 3.63
C GLU B 129 7.22 6.34 2.91
N HIS B 130 6.57 7.27 3.49
CA HIS B 130 5.56 8.14 2.92
C HIS B 130 6.10 9.18 1.96
N GLN B 131 6.41 8.85 0.75
CA GLN B 131 6.96 9.79 -0.27
C GLN B 131 5.80 10.67 -0.71
N LEU B 132 5.85 11.95 -0.49
CA LEU B 132 4.74 12.90 -0.78
C LEU B 132 4.69 13.24 -2.26
N ALA B 133 3.62 13.82 -2.72
CA ALA B 133 3.49 14.25 -4.14
C ALA B 133 3.53 15.75 -4.23
N SER B 134 4.03 16.27 -5.34
CA SER B 134 4.04 17.75 -5.55
C SER B 134 2.63 18.11 -5.99
N HIS B 135 2.03 19.14 -5.54
CA HIS B 135 0.69 19.56 -6.09
C HIS B 135 0.85 20.06 -7.50
N GLU B 136 2.01 20.44 -7.98
CA GLU B 136 2.19 20.85 -9.35
C GLU B 136 1.95 19.77 -10.37
N GLY B 137 2.02 18.53 -10.03
CA GLY B 137 1.88 17.42 -11.03
C GLY B 137 3.20 17.17 -11.73
N GLY B 138 3.11 16.57 -12.89
CA GLY B 138 4.33 16.33 -13.71
C GLY B 138 5.42 15.71 -12.96
N ASN B 139 6.58 16.29 -12.89
CA ASN B 139 7.69 15.67 -12.09
C ASN B 139 8.31 16.77 -11.26
N VAL B 140 7.46 17.68 -10.82
CA VAL B 140 7.92 18.78 -9.91
C VAL B 140 8.36 18.09 -8.62
N SER B 141 9.46 18.52 -8.03
CA SER B 141 9.88 17.81 -6.75
C SER B 141 9.28 18.51 -5.56
N VAL B 142 9.40 18.02 -4.36
CA VAL B 142 8.93 18.64 -3.14
C VAL B 142 10.20 19.04 -2.39
N LYS B 143 10.49 20.30 -2.27
CA LYS B 143 11.71 20.72 -1.64
C LYS B 143 11.74 20.27 -0.14
N TYR B 144 12.98 20.06 0.25
CA TYR B 144 13.50 19.62 1.51
C TYR B 144 12.77 20.25 2.68
N THR B 145 12.94 21.52 2.75
CA THR B 145 12.21 22.26 3.81
C THR B 145 10.78 21.82 3.88
N PHE B 146 10.12 21.68 2.79
CA PHE B 146 8.70 21.27 2.88
C PHE B 146 8.46 19.93 3.48
N THR B 147 9.34 19.01 3.45
CA THR B 147 9.16 17.69 3.99
C THR B 147 9.94 17.61 5.29
N HIS B 148 10.34 18.69 5.86
CA HIS B 148 11.02 18.69 7.14
C HIS B 148 10.45 19.78 8.03
N PRO B 149 9.13 19.81 8.20
CA PRO B 149 8.45 20.78 8.99
C PRO B 149 8.87 20.80 10.42
N GLY B 150 9.56 19.82 10.92
CA GLY B 150 9.97 19.90 12.37
C GLY B 150 8.70 19.65 13.20
N GLU B 151 8.76 20.14 14.40
CA GLU B 151 7.72 19.78 15.43
C GLU B 151 6.41 20.31 14.98
N ARG B 152 6.40 21.31 14.14
CA ARG B 152 5.16 21.92 13.63
C ARG B 152 4.35 20.96 12.80
N GLY B 153 5.03 20.09 12.07
CA GLY B 153 4.38 19.10 11.19
C GLY B 153 3.76 19.86 10.04
N ILE B 154 3.06 19.25 9.21
CA ILE B 154 2.39 19.77 8.04
C ILE B 154 0.90 19.86 8.33
N ASP B 155 0.23 20.93 7.99
CA ASP B 155 -1.19 21.11 8.27
C ASP B 155 -1.91 21.03 6.92
N LEU B 156 -2.56 19.92 6.82
CA LEU B 156 -3.29 19.57 5.60
C LEU B 156 -4.38 20.54 5.28
N SER B 157 -4.59 21.55 6.06
CA SER B 157 -5.70 22.49 5.67
C SER B 157 -5.04 23.84 5.40
N SER B 158 -3.73 23.84 5.40
CA SER B 158 -2.95 25.03 5.03
C SER B 158 -2.98 25.12 3.50
N ALA B 159 -2.53 26.20 2.93
CA ALA B 159 -2.58 26.35 1.45
C ALA B 159 -1.43 25.73 0.69
N ASN B 160 -1.69 25.37 -0.58
CA ASN B 160 -0.54 24.87 -1.38
C ASN B 160 0.57 25.92 -1.31
N GLU B 161 1.79 25.51 -1.21
CA GLU B 161 2.91 26.52 -1.28
C GLU B 161 3.83 26.03 -2.40
N VAL B 162 4.88 26.78 -2.68
CA VAL B 162 5.61 26.41 -3.97
C VAL B 162 6.75 25.57 -3.57
N GLY B 163 6.76 24.35 -4.05
CA GLY B 163 7.94 23.48 -3.71
C GLY B 163 7.53 22.59 -2.53
N GLY B 164 6.32 22.86 -2.10
CA GLY B 164 5.73 22.04 -1.03
C GLY B 164 4.93 20.88 -1.67
N PRO B 165 4.45 19.97 -0.79
CA PRO B 165 3.63 18.83 -1.19
C PRO B 165 2.19 19.23 -1.40
N VAL B 166 1.41 18.37 -1.97
CA VAL B 166 -0.06 18.57 -2.15
C VAL B 166 -0.70 18.30 -0.79
N LYS B 167 -1.86 18.88 -0.43
CA LYS B 167 -2.36 18.60 0.97
C LYS B 167 -3.75 18.08 0.95
N ASP B 168 -4.15 17.50 -0.12
CA ASP B 168 -5.48 16.92 -0.37
C ASP B 168 -5.71 15.71 0.47
N VAL B 169 -6.47 15.60 1.47
CA VAL B 169 -6.71 14.43 2.26
C VAL B 169 -7.30 13.20 1.54
N LEU B 170 -8.34 13.27 0.72
CA LEU B 170 -8.86 11.95 0.15
C LEU B 170 -7.68 11.29 -0.57
N TYR B 171 -6.54 11.86 -0.79
CA TYR B 171 -5.46 11.14 -1.50
C TYR B 171 -4.19 10.88 -0.72
N ASN B 172 -4.14 10.95 0.62
CA ASN B 172 -3.01 10.63 1.43
C ASN B 172 -1.76 11.39 1.01
N MET B 173 -1.84 12.50 0.32
CA MET B 173 -0.64 13.22 -0.13
C MET B 173 0.19 12.38 -1.09
N ASN B 174 -0.40 11.36 -1.72
CA ASN B 174 0.36 10.58 -2.69
C ASN B 174 -0.42 9.84 -3.74
N GLY B 175 -1.66 10.03 -4.06
CA GLY B 175 -2.27 9.29 -5.12
C GLY B 175 -2.88 8.01 -4.64
N THR B 176 -3.14 7.87 -3.39
CA THR B 176 -3.89 6.64 -2.87
C THR B 176 -5.08 7.09 -2.09
N LEU B 177 -6.09 6.30 -1.89
CA LEU B 177 -7.31 6.82 -1.20
C LEU B 177 -7.29 6.72 0.30
N LEU B 178 -7.78 7.73 1.00
CA LEU B 178 -7.86 7.80 2.46
C LEU B 178 -8.41 6.49 3.02
N GLY B 179 -9.48 6.01 2.50
CA GLY B 179 -10.07 4.76 2.90
C GLY B 179 -9.14 3.62 3.05
N ASN B 180 -8.04 3.48 2.36
CA ASN B 180 -7.14 2.33 2.43
C ASN B 180 -5.95 2.52 3.29
N LEU B 181 -5.88 3.49 4.07
CA LEU B 181 -4.76 3.82 4.96
C LEU B 181 -4.79 2.79 6.08
N LEU B 182 -5.92 2.12 6.19
CA LEU B 182 -6.14 1.12 7.23
C LEU B 182 -5.22 -0.05 7.00
N ILE B 183 -4.63 -0.22 5.77
CA ILE B 183 -3.64 -1.31 5.67
C ILE B 183 -2.38 -0.96 6.48
N PHE B 184 -2.13 0.28 6.89
CA PHE B 184 -0.97 0.64 7.73
C PHE B 184 -1.30 0.53 9.21
N PRO B 185 -0.31 0.21 10.06
CA PRO B 185 -0.60 0.11 11.53
C PRO B 185 -1.35 1.34 11.93
N HIS B 186 -2.48 1.24 12.52
CA HIS B 186 -3.20 2.49 12.88
C HIS B 186 -4.15 2.21 14.00
N GLN B 187 -4.72 3.27 14.51
CA GLN B 187 -5.73 3.07 15.70
C GLN B 187 -6.66 4.22 15.59
N PHE B 188 -7.91 4.21 15.96
CA PHE B 188 -8.87 5.34 15.83
C PHE B 188 -8.97 5.99 17.19
N ILE B 189 -9.34 7.22 17.32
CA ILE B 189 -9.66 7.86 18.62
C ILE B 189 -11.16 8.23 18.46
N ASN B 190 -12.07 7.52 18.97
CA ASN B 190 -13.56 7.83 18.75
C ASN B 190 -14.01 8.37 20.11
N LEU B 191 -14.32 9.67 20.15
CA LEU B 191 -14.57 10.35 21.43
C LEU B 191 -15.43 9.49 22.30
N ARG B 192 -16.36 8.79 21.71
CA ARG B 192 -17.27 7.95 22.49
C ARG B 192 -16.61 6.75 23.09
N THR B 193 -15.41 6.31 22.75
CA THR B 193 -14.78 5.11 23.18
C THR B 193 -13.49 5.32 23.92
N ASN B 194 -12.53 5.75 23.29
CA ASN B 194 -11.20 6.13 23.24
C ASN B 194 -10.81 7.51 23.60
N ASN B 195 -9.66 7.85 24.13
CA ASN B 195 -9.23 9.26 24.33
C ASN B 195 -7.77 9.35 23.92
N THR B 196 -7.09 8.24 23.77
CA THR B 196 -5.72 8.21 23.26
C THR B 196 -5.60 7.08 22.25
N ALA B 197 -4.50 7.07 21.54
CA ALA B 197 -4.05 6.10 20.53
C ALA B 197 -2.56 5.88 20.84
N THR B 198 -2.06 4.68 20.86
CA THR B 198 -0.64 4.42 21.11
C THR B 198 -0.15 3.40 20.08
N ILE B 199 0.92 3.71 19.41
CA ILE B 199 1.49 2.81 18.41
C ILE B 199 2.96 2.64 18.72
N VAL B 200 3.50 1.46 18.76
CA VAL B 200 4.97 1.22 18.96
C VAL B 200 5.52 0.94 17.58
N ILE B 201 6.53 1.67 17.17
CA ILE B 201 7.13 1.55 15.83
C ILE B 201 8.53 0.97 15.90
N PRO B 202 8.72 -0.21 15.32
CA PRO B 202 10.03 -0.83 15.20
C PRO B 202 10.77 -0.10 14.10
N TYR B 203 12.02 -0.12 13.95
CA TYR B 203 12.79 0.54 12.90
C TYR B 203 12.58 -0.14 11.58
N ILE B 204 12.06 0.44 10.54
CA ILE B 204 11.77 -0.25 9.25
C ILE B 204 12.57 0.37 8.14
N ASN B 205 13.53 -0.22 7.57
CA ASN B 205 14.35 0.36 6.47
C ASN B 205 14.93 -0.76 5.63
N SER B 206 15.50 -0.46 4.47
CA SER B 206 16.11 -1.41 3.56
C SER B 206 17.63 -1.42 3.78
N VAL B 207 18.09 -0.61 4.70
CA VAL B 207 19.49 -0.60 5.13
C VAL B 207 19.53 -0.68 6.64
N PRO B 208 20.63 -1.18 7.20
CA PRO B 208 20.68 -1.42 8.64
C PRO B 208 20.64 -0.19 9.52
N ILE B 209 21.08 0.91 9.03
CA ILE B 209 21.20 2.21 9.70
C ILE B 209 21.29 3.21 8.53
N ASP B 210 20.85 4.39 8.77
CA ASP B 210 20.76 5.39 7.69
C ASP B 210 21.07 6.76 8.18
N SER B 211 20.91 7.75 7.37
CA SER B 211 21.11 9.14 7.83
C SER B 211 19.86 9.65 8.46
N MET B 212 19.90 10.38 9.54
CA MET B 212 18.63 10.83 10.16
C MET B 212 18.16 12.10 9.54
N THR B 213 18.95 12.77 8.76
CA THR B 213 18.52 14.07 8.23
C THR B 213 18.14 13.92 6.83
N ARG B 214 18.72 13.15 5.97
CA ARG B 214 18.25 13.17 4.55
C ARG B 214 17.11 12.23 4.35
N HIS B 215 16.72 11.47 5.33
CA HIS B 215 15.58 10.50 5.04
C HIS B 215 14.69 10.29 6.24
N ASN B 216 13.42 10.50 6.14
CA ASN B 216 12.49 10.31 7.25
C ASN B 216 11.93 8.91 7.01
N ASN B 217 11.72 8.12 8.03
CA ASN B 217 11.30 6.74 7.72
C ASN B 217 9.89 6.52 8.08
N VAL B 218 9.15 7.39 8.71
CA VAL B 218 7.68 7.17 8.90
C VAL B 218 7.04 8.58 8.93
N SER B 219 5.83 8.62 8.51
CA SER B 219 5.06 9.91 8.77
C SER B 219 3.97 9.40 9.74
N LEU B 220 3.71 10.13 10.74
CA LEU B 220 2.60 9.87 11.68
C LEU B 220 1.49 10.76 11.12
N MET B 221 0.30 10.36 10.99
CA MET B 221 -0.76 11.22 10.42
C MET B 221 -1.96 11.18 11.33
N VAL B 222 -2.52 12.28 11.73
CA VAL B 222 -3.77 12.26 12.57
C VAL B 222 -4.82 12.93 11.65
N ILE B 223 -5.88 12.27 11.29
CA ILE B 223 -6.90 12.82 10.36
C ILE B 223 -8.27 12.76 10.90
N PRO B 224 -8.98 13.88 11.07
CA PRO B 224 -10.42 13.77 11.54
C PRO B 224 -11.17 13.04 10.45
N ILE B 225 -11.97 12.08 10.68
CA ILE B 225 -12.78 11.36 9.69
C ILE B 225 -14.26 11.61 10.00
N ALA B 226 -14.73 11.35 11.20
CA ALA B 226 -16.10 11.75 11.54
C ALA B 226 -15.80 13.13 12.22
N PRO B 227 -16.33 14.16 11.60
CA PRO B 227 -16.18 15.54 12.05
C PRO B 227 -16.47 15.72 13.52
N LEU B 228 -15.79 16.72 14.08
CA LEU B 228 -16.00 16.99 15.55
C LEU B 228 -17.38 17.59 15.71
N THR B 229 -18.15 17.11 16.63
CA THR B 229 -19.49 17.72 16.89
C THR B 229 -19.64 18.02 18.33
N VAL B 230 -19.58 19.29 18.74
CA VAL B 230 -19.67 19.55 20.21
C VAL B 230 -21.11 19.72 20.66
N PRO B 231 -21.30 19.48 21.96
CA PRO B 231 -22.64 19.69 22.56
C PRO B 231 -23.00 21.16 22.34
N THR B 232 -24.25 21.43 22.46
CA THR B 232 -24.86 22.71 22.26
C THR B 232 -24.27 23.81 23.13
N GLY B 233 -23.92 24.83 22.30
CA GLY B 233 -23.25 26.00 22.95
C GLY B 233 -21.96 25.60 23.64
N ALA B 234 -21.34 24.54 23.17
CA ALA B 234 -20.00 24.19 23.69
C ALA B 234 -19.05 24.98 22.80
N THR B 235 -17.85 25.20 23.25
CA THR B 235 -16.87 25.74 22.32
C THR B 235 -16.66 24.71 21.19
N PRO B 236 -16.64 25.19 20.07
CA PRO B 236 -16.51 24.25 18.91
C PRO B 236 -15.11 23.80 18.69
N SER B 237 -14.31 23.47 19.66
CA SER B 237 -12.98 22.84 19.24
C SER B 237 -12.39 22.06 20.38
N LEU B 238 -11.46 21.17 20.10
CA LEU B 238 -10.71 20.36 21.13
C LEU B 238 -9.25 20.42 20.78
N PRO B 239 -8.32 20.44 21.68
CA PRO B 239 -6.85 20.37 21.32
C PRO B 239 -6.50 18.92 21.09
N ILE B 240 -5.58 18.62 20.28
CA ILE B 240 -5.05 17.22 20.10
C ILE B 240 -3.58 17.31 20.53
N THR B 241 -3.03 16.52 21.37
CA THR B 241 -1.58 16.60 21.69
C THR B 241 -0.83 15.40 21.23
N VAL B 242 0.35 15.50 20.68
CA VAL B 242 1.11 14.26 20.26
C VAL B 242 2.33 14.13 21.15
N THR B 243 2.55 13.08 21.91
CA THR B 243 3.83 12.89 22.70
C THR B 243 4.54 11.72 22.08
N ILE B 244 5.76 11.75 21.75
CA ILE B 244 6.55 10.68 21.10
C ILE B 244 7.87 10.39 21.80
N ALA B 245 8.23 9.11 21.98
CA ALA B 245 9.50 8.76 22.64
C ALA B 245 10.37 7.90 21.80
N PRO B 246 11.55 8.31 21.46
CA PRO B 246 12.51 7.41 20.75
C PRO B 246 12.73 6.21 21.68
N MET B 247 12.94 5.06 21.03
CA MET B 247 13.20 3.82 21.85
C MET B 247 14.16 2.97 21.04
N CYS B 248 15.07 2.37 21.81
CA CYS B 248 16.25 1.66 21.38
C CYS B 248 17.10 2.53 20.43
N THR B 249 17.33 3.75 20.63
CA THR B 249 18.11 4.59 19.72
C THR B 249 19.56 4.28 19.73
N GLU B 250 20.18 4.30 18.56
CA GLU B 250 21.65 4.08 18.43
C GLU B 250 22.18 5.12 17.40
N PHE B 251 23.31 5.68 17.73
CA PHE B 251 23.92 6.67 16.82
C PHE B 251 25.28 6.13 16.46
N SER B 252 25.75 6.41 15.30
CA SER B 252 27.08 5.94 14.88
C SER B 252 27.69 6.90 13.89
N GLY B 253 29.04 6.93 13.89
CA GLY B 253 29.79 7.83 12.96
C GLY B 253 29.71 9.27 13.40
N ILE B 254 30.30 9.59 14.55
CA ILE B 254 30.30 10.87 15.17
C ILE B 254 31.40 11.75 14.52
N ARG B 255 31.08 13.01 14.52
CA ARG B 255 31.96 14.00 13.88
C ARG B 255 31.53 15.44 14.13
N SER B 256 31.53 16.16 13.03
CA SER B 256 31.45 17.58 13.07
C SER B 256 30.07 18.04 13.22
N LYS B 257 28.99 17.50 12.90
CA LYS B 257 27.68 18.26 13.14
C LYS B 257 27.10 18.83 11.84
N SER B 258 26.12 18.16 11.30
CA SER B 258 25.51 18.43 10.05
C SER B 258 24.92 19.84 10.05
N ILE B 259 24.98 20.38 8.83
CA ILE B 259 24.30 21.74 8.59
C ILE B 259 23.19 21.50 7.59
N VAL B 260 21.96 21.77 7.91
CA VAL B 260 20.95 21.32 6.82
C VAL B 260 20.23 22.55 6.37
N PRO B 261 19.75 22.52 5.12
CA PRO B 261 18.99 23.59 4.61
C PRO B 261 17.96 24.11 5.61
N GLN B 262 17.93 25.45 5.49
CA GLN B 262 17.03 26.43 6.04
C GLN B 262 17.10 26.49 7.54
N GLY C 1 26.41 -36.61 -31.80
CA GLY C 1 25.00 -35.97 -32.08
C GLY C 1 23.66 -36.58 -31.89
N LEU C 2 22.87 -36.34 -30.81
CA LEU C 2 21.59 -36.98 -30.52
C LEU C 2 20.42 -36.54 -31.32
N PRO C 3 19.66 -37.38 -32.04
CA PRO C 3 18.55 -36.96 -32.91
C PRO C 3 17.39 -36.35 -32.20
N THR C 4 16.86 -35.21 -32.57
CA THR C 4 15.75 -34.50 -32.00
C THR C 4 14.73 -34.15 -33.07
N THR C 5 13.55 -33.76 -32.64
CA THR C 5 12.44 -33.28 -33.45
C THR C 5 11.83 -32.03 -32.86
N THR C 6 11.63 -30.90 -33.49
CA THR C 6 11.06 -29.76 -32.62
C THR C 6 9.60 -29.73 -32.74
N LEU C 7 8.86 -29.38 -31.67
CA LEU C 7 7.36 -29.42 -31.75
C LEU C 7 6.80 -28.01 -32.06
N PRO C 8 5.51 -28.03 -32.36
CA PRO C 8 4.77 -26.78 -32.54
C PRO C 8 5.02 -25.97 -31.29
N GLY C 9 5.24 -24.70 -31.36
CA GLY C 9 5.41 -23.80 -30.20
C GLY C 9 6.87 -23.43 -30.03
N SER C 10 7.73 -24.17 -30.73
CA SER C 10 9.17 -23.81 -30.62
C SER C 10 9.32 -22.33 -30.97
N GLY C 11 10.26 -21.71 -30.33
CA GLY C 11 10.53 -20.32 -30.45
C GLY C 11 9.47 -19.42 -29.92
N GLN C 12 8.37 -19.81 -29.41
CA GLN C 12 7.37 -18.80 -28.93
C GLN C 12 7.82 -18.19 -27.64
N PHE C 13 7.36 -17.04 -27.29
CA PHE C 13 7.60 -16.36 -25.96
C PHE C 13 6.24 -16.25 -25.23
N LEU C 14 6.04 -16.98 -24.19
CA LEU C 14 4.74 -16.97 -23.46
C LEU C 14 4.99 -16.20 -22.19
N THR C 15 4.42 -15.05 -21.91
CA THR C 15 4.86 -14.24 -20.76
C THR C 15 4.73 -14.98 -19.47
N THR C 16 4.07 -16.09 -19.37
CA THR C 16 3.75 -16.86 -18.17
C THR C 16 4.46 -18.13 -17.93
N ASP C 17 5.41 -18.52 -18.78
CA ASP C 17 6.17 -19.73 -18.73
C ASP C 17 7.26 -19.51 -17.67
N ASP C 18 7.89 -20.53 -17.13
CA ASP C 18 8.92 -20.32 -16.07
C ASP C 18 10.10 -21.23 -16.31
N ARG C 19 11.15 -20.73 -16.89
CA ARG C 19 12.31 -21.55 -17.23
C ARG C 19 13.62 -20.90 -16.78
N GLN C 20 14.72 -21.65 -17.02
CA GLN C 20 16.06 -21.14 -16.63
C GLN C 20 16.65 -20.27 -17.73
N SER C 21 17.53 -19.39 -17.45
CA SER C 21 18.20 -18.48 -18.32
C SER C 21 19.62 -18.31 -17.88
N PRO C 22 20.47 -18.01 -18.81
CA PRO C 22 21.88 -17.67 -18.40
C PRO C 22 21.90 -16.37 -17.59
N SER C 23 22.73 -16.27 -16.56
CA SER C 23 22.89 -15.00 -15.83
C SER C 23 23.86 -14.09 -16.62
N ALA C 24 23.49 -12.85 -16.87
CA ALA C 24 24.35 -11.88 -17.53
C ALA C 24 25.54 -11.49 -16.65
N LEU C 25 25.44 -11.47 -15.39
CA LEU C 25 26.40 -11.17 -14.39
C LEU C 25 26.87 -12.45 -13.65
N PRO C 26 27.70 -13.21 -14.31
CA PRO C 26 28.24 -14.44 -13.72
C PRO C 26 29.09 -13.99 -12.53
N ASN C 27 28.83 -14.70 -11.47
CA ASN C 27 29.51 -14.65 -10.23
C ASN C 27 29.40 -13.53 -9.24
N TYR C 28 28.48 -12.70 -9.51
CA TYR C 28 28.15 -11.49 -8.76
C TYR C 28 27.52 -11.86 -7.45
N GLU C 29 27.80 -11.20 -6.41
CA GLU C 29 27.28 -11.45 -5.10
C GLU C 29 26.34 -10.45 -4.58
N PRO C 30 25.06 -10.79 -4.47
CA PRO C 30 24.03 -9.79 -4.06
C PRO C 30 24.20 -9.29 -2.64
N THR C 31 23.69 -8.11 -2.29
CA THR C 31 23.77 -7.61 -0.93
C THR C 31 23.04 -8.53 0.01
N PRO C 32 23.60 -8.73 1.19
CA PRO C 32 23.01 -9.62 2.21
C PRO C 32 21.61 -9.20 2.54
N ARG C 33 20.71 -10.06 2.92
CA ARG C 33 19.35 -9.53 3.32
C ARG C 33 19.42 -9.09 4.77
N ILE C 34 18.79 -8.05 5.23
CA ILE C 34 18.79 -7.77 6.70
C ILE C 34 17.34 -8.04 7.07
N HIS C 35 16.92 -7.90 8.27
CA HIS C 35 15.52 -8.24 8.64
C HIS C 35 14.62 -7.06 8.42
N ILE C 36 13.46 -7.15 7.93
CA ILE C 36 12.60 -5.88 7.78
C ILE C 36 11.28 -6.35 8.31
N PRO C 37 10.59 -5.74 9.22
CA PRO C 37 9.26 -6.20 9.66
C PRO C 37 8.32 -6.13 8.48
N GLY C 38 7.17 -6.77 8.46
CA GLY C 38 6.19 -6.66 7.47
C GLY C 38 6.17 -7.48 6.28
N LYS C 39 6.81 -8.62 6.14
CA LYS C 39 6.87 -9.41 4.87
C LYS C 39 5.50 -9.93 4.52
N VAL C 40 5.17 -9.82 3.23
CA VAL C 40 3.86 -10.32 2.71
C VAL C 40 4.12 -11.58 1.93
N HIS C 41 3.36 -12.65 2.05
CA HIS C 41 3.61 -13.78 1.21
C HIS C 41 2.46 -13.99 0.24
N ASN C 42 1.25 -13.83 0.61
CA ASN C 42 0.10 -14.09 -0.23
C ASN C 42 -0.78 -12.87 -0.30
N LEU C 43 -1.41 -12.60 -1.41
CA LEU C 43 -2.35 -11.44 -1.41
C LEU C 43 -3.51 -11.82 -0.46
N LEU C 44 -3.66 -13.10 -0.18
CA LEU C 44 -4.77 -13.56 0.71
C LEU C 44 -4.43 -13.07 2.10
N GLU C 45 -3.16 -12.78 2.39
CA GLU C 45 -2.89 -12.32 3.76
C GLU C 45 -3.45 -10.93 3.97
N ILE C 46 -3.25 -10.07 2.99
CA ILE C 46 -3.66 -8.69 3.14
C ILE C 46 -5.13 -8.43 2.93
N ILE C 47 -5.87 -9.12 2.09
CA ILE C 47 -7.31 -8.80 1.93
C ILE C 47 -8.10 -9.16 3.18
N GLN C 48 -7.50 -9.67 4.25
CA GLN C 48 -8.22 -9.90 5.51
C GLN C 48 -8.10 -8.71 6.42
N VAL C 49 -7.29 -7.73 6.13
CA VAL C 49 -7.27 -6.45 6.92
C VAL C 49 -8.45 -5.62 6.45
N ASP C 50 -9.25 -5.06 7.35
CA ASP C 50 -10.43 -4.31 6.83
C ASP C 50 -10.00 -2.87 6.52
N THR C 51 -10.68 -2.32 5.55
CA THR C 51 -10.54 -0.93 5.09
C THR C 51 -11.95 -0.37 4.92
N LEU C 52 -12.05 0.93 4.96
CA LEU C 52 -13.26 1.72 4.89
C LEU C 52 -13.88 1.66 3.50
N ILE C 53 -15.17 1.63 3.38
CA ILE C 53 -15.95 1.66 2.16
C ILE C 53 -16.59 3.02 1.93
N PRO C 54 -16.34 3.66 0.82
CA PRO C 54 -17.01 4.98 0.57
C PRO C 54 -18.46 4.68 0.28
N MET C 55 -19.28 4.31 1.24
CA MET C 55 -20.64 3.91 1.05
C MET C 55 -21.56 5.02 0.60
N ASN C 56 -21.33 6.21 1.09
CA ASN C 56 -22.02 7.43 0.84
C ASN C 56 -21.57 8.14 -0.45
N ASN C 57 -21.24 7.40 -1.46
CA ASN C 57 -21.07 7.70 -2.79
C ASN C 57 -21.84 8.79 -3.54
N THR C 58 -22.78 9.40 -3.00
CA THR C 58 -23.69 10.37 -3.49
C THR C 58 -23.07 11.69 -3.74
N HIS C 59 -21.84 11.89 -3.37
CA HIS C 59 -21.25 13.22 -3.71
C HIS C 59 -20.88 13.25 -5.19
N THR C 60 -20.39 14.44 -5.52
CA THR C 60 -20.00 14.78 -6.86
C THR C 60 -18.55 14.92 -7.15
N LYS C 61 -17.71 14.98 -6.15
CA LYS C 61 -16.23 14.97 -6.34
C LYS C 61 -15.73 14.11 -5.17
N ASP C 62 -14.63 13.42 -5.17
CA ASP C 62 -14.28 12.52 -4.06
C ASP C 62 -14.12 13.36 -2.77
N GLU C 63 -14.75 12.96 -1.71
CA GLU C 63 -14.64 13.68 -0.42
C GLU C 63 -14.68 12.76 0.76
N VAL C 64 -14.12 13.20 1.90
CA VAL C 64 -14.00 12.41 3.11
C VAL C 64 -15.38 12.01 3.59
N ASN C 65 -16.37 12.47 2.96
CA ASN C 65 -17.72 12.48 3.45
C ASN C 65 -18.50 11.37 2.92
N SER C 66 -17.79 10.73 1.98
CA SER C 66 -18.55 9.60 1.27
C SER C 66 -18.18 8.33 2.00
N TYR C 67 -17.35 8.52 3.07
CA TYR C 67 -17.01 7.41 3.95
C TYR C 67 -18.02 7.44 5.10
N LEU C 68 -18.75 8.54 5.27
CA LEU C 68 -19.67 8.69 6.40
C LEU C 68 -21.10 8.36 6.03
N ILE C 69 -21.69 7.35 6.65
CA ILE C 69 -23.12 7.00 6.51
C ILE C 69 -23.87 7.77 7.57
N PRO C 70 -24.76 8.67 7.22
CA PRO C 70 -25.41 9.51 8.28
C PRO C 70 -26.57 8.75 8.87
N LEU C 71 -26.91 9.12 10.08
CA LEU C 71 -28.01 8.54 10.86
C LEU C 71 -28.84 9.74 11.37
N ASN C 72 -30.14 9.65 11.35
CA ASN C 72 -31.05 10.68 11.84
C ASN C 72 -31.70 10.36 13.12
N ALA C 73 -31.72 11.21 14.16
CA ALA C 73 -32.42 10.85 15.43
C ALA C 73 -33.93 10.72 15.25
N ASN C 74 -34.55 10.01 16.14
CA ASN C 74 -35.94 9.74 16.04
C ASN C 74 -36.53 9.25 14.77
N ARG C 75 -35.92 8.66 13.81
CA ARG C 75 -36.74 8.03 12.68
C ARG C 75 -37.00 6.56 13.12
N GLN C 76 -38.03 5.99 12.74
CA GLN C 76 -38.50 4.63 13.12
C GLN C 76 -38.55 3.81 11.86
N ASN C 77 -38.75 2.54 11.83
CA ASN C 77 -38.93 1.72 10.66
C ASN C 77 -38.12 2.00 9.46
N GLU C 78 -37.43 3.02 9.18
CA GLU C 78 -36.81 3.44 7.91
C GLU C 78 -35.52 2.87 7.47
N GLN C 79 -35.00 3.15 6.27
CA GLN C 79 -33.79 2.50 5.77
C GLN C 79 -32.56 3.34 5.79
N VAL C 80 -31.44 2.86 6.38
CA VAL C 80 -30.19 3.59 6.49
C VAL C 80 -29.35 3.59 5.23
N PHE C 81 -29.22 2.55 4.51
CA PHE C 81 -28.37 2.52 3.27
C PHE C 81 -28.69 1.25 2.50
N GLY C 82 -28.21 1.07 1.31
CA GLY C 82 -28.50 -0.16 0.52
C GLY C 82 -27.35 -0.22 -0.49
N THR C 83 -27.01 -1.33 -0.97
CA THR C 83 -26.01 -1.56 -1.99
C THR C 83 -26.10 -2.99 -2.53
N ASN C 84 -25.72 -3.19 -3.77
CA ASN C 84 -25.69 -4.64 -4.19
C ASN C 84 -24.30 -5.17 -3.77
N LEU C 85 -24.05 -6.44 -4.01
CA LEU C 85 -22.71 -6.92 -3.58
C LEU C 85 -21.89 -7.26 -4.81
N PHE C 86 -21.64 -6.30 -5.64
CA PHE C 86 -20.69 -6.59 -6.80
C PHE C 86 -19.38 -6.03 -6.22
N ILE C 87 -18.63 -6.91 -5.54
CA ILE C 87 -17.38 -6.48 -4.93
C ILE C 87 -16.40 -5.91 -5.91
N GLY C 88 -16.56 -6.13 -7.20
CA GLY C 88 -15.57 -5.54 -8.13
C GLY C 88 -16.01 -4.22 -8.71
N ASP C 89 -17.04 -3.61 -8.21
CA ASP C 89 -17.58 -2.41 -8.78
C ASP C 89 -18.24 -1.52 -7.80
N GLY C 90 -18.68 -0.31 -8.20
CA GLY C 90 -19.49 0.44 -7.21
C GLY C 90 -18.88 0.78 -5.93
N VAL C 91 -19.51 0.76 -4.76
CA VAL C 91 -18.82 1.18 -3.50
C VAL C 91 -17.54 0.42 -3.24
N PHE C 92 -17.53 -0.88 -3.37
CA PHE C 92 -16.45 -1.79 -3.09
C PHE C 92 -15.20 -1.57 -3.88
N LYS C 93 -15.38 -1.04 -5.04
CA LYS C 93 -14.31 -1.00 -6.05
C LYS C 93 -13.03 -0.34 -5.69
N THR C 94 -12.93 0.63 -4.82
CA THR C 94 -11.72 1.38 -4.48
C THR C 94 -11.13 0.89 -3.17
N THR C 95 -11.90 0.07 -2.49
CA THR C 95 -11.42 -0.51 -1.22
C THR C 95 -10.28 -1.46 -1.56
N LEU C 96 -9.44 -1.79 -0.59
CA LEU C 96 -8.33 -2.73 -0.83
C LEU C 96 -8.83 -4.07 -1.33
N LEU C 97 -9.94 -4.53 -0.77
CA LEU C 97 -10.55 -5.78 -1.17
C LEU C 97 -10.96 -5.66 -2.64
N GLY C 98 -11.71 -4.64 -2.90
CA GLY C 98 -12.21 -4.42 -4.27
C GLY C 98 -11.07 -4.34 -5.26
N GLU C 99 -10.03 -3.70 -4.82
CA GLU C 99 -8.84 -3.35 -5.60
C GLU C 99 -8.04 -4.57 -5.94
N ILE C 100 -8.00 -5.58 -5.07
CA ILE C 100 -7.26 -6.83 -5.29
C ILE C 100 -8.09 -7.84 -6.07
N VAL C 101 -9.33 -7.93 -5.75
CA VAL C 101 -10.30 -8.80 -6.43
C VAL C 101 -10.24 -8.56 -7.93
N GLN C 102 -9.97 -7.34 -8.27
CA GLN C 102 -9.88 -6.89 -9.66
C GLN C 102 -8.65 -7.44 -10.33
N TYR C 103 -7.66 -7.95 -9.62
CA TYR C 103 -6.52 -8.60 -10.29
C TYR C 103 -6.92 -10.03 -10.59
N TYR C 104 -8.07 -10.49 -10.17
CA TYR C 104 -8.40 -11.93 -10.47
C TYR C 104 -9.72 -12.02 -11.15
N THR C 105 -9.96 -13.11 -11.87
CA THR C 105 -11.22 -13.29 -12.56
C THR C 105 -12.37 -13.85 -11.77
N HIS C 106 -12.15 -14.74 -10.87
CA HIS C 106 -13.16 -15.46 -10.07
C HIS C 106 -12.94 -15.28 -8.59
N TRP C 107 -13.96 -15.24 -7.77
CA TRP C 107 -13.75 -15.14 -6.30
C TRP C 107 -14.77 -16.10 -5.68
N SER C 108 -14.54 -16.56 -4.51
CA SER C 108 -15.54 -17.38 -3.78
C SER C 108 -15.24 -17.15 -2.30
N GLY C 109 -16.16 -17.30 -1.37
CA GLY C 109 -15.82 -17.06 0.01
C GLY C 109 -16.73 -16.17 0.81
N SER C 110 -16.39 -16.09 2.16
CA SER C 110 -17.34 -15.15 2.91
C SER C 110 -16.77 -13.79 3.07
N LEU C 111 -17.56 -12.75 3.16
CA LEU C 111 -17.09 -11.35 3.32
C LEU C 111 -17.39 -10.90 4.74
N ARG C 112 -16.55 -9.99 5.23
CA ARG C 112 -16.96 -9.54 6.61
C ARG C 112 -17.24 -8.07 6.47
N PHE C 113 -18.45 -7.64 6.75
CA PHE C 113 -18.89 -6.21 6.69
C PHE C 113 -19.11 -5.67 8.08
N SER C 114 -18.42 -4.76 8.62
CA SER C 114 -18.64 -4.24 9.98
C SER C 114 -18.95 -2.76 9.95
N LEU C 115 -19.58 -2.24 10.94
CA LEU C 115 -20.02 -0.83 11.04
C LEU C 115 -19.50 -0.31 12.37
N MET C 116 -18.77 0.78 12.41
CA MET C 116 -18.32 1.27 13.79
C MET C 116 -19.15 2.51 14.08
N TYR C 117 -19.81 2.64 15.21
CA TYR C 117 -20.65 3.82 15.51
C TYR C 117 -19.84 4.93 16.12
N THR C 118 -20.08 6.19 15.71
CA THR C 118 -19.32 7.34 16.21
C THR C 118 -20.12 8.38 16.96
N GLY C 119 -21.41 8.17 17.20
CA GLY C 119 -22.28 9.13 17.94
C GLY C 119 -21.87 9.34 19.36
N PRO C 120 -22.36 10.45 19.98
CA PRO C 120 -22.02 10.68 21.42
C PRO C 120 -22.25 9.39 22.20
N ALA C 121 -21.39 9.24 23.22
CA ALA C 121 -21.54 8.14 24.14
C ALA C 121 -22.90 8.08 24.85
N LEU C 122 -23.58 9.14 25.17
CA LEU C 122 -24.88 9.14 25.87
C LEU C 122 -26.08 8.95 24.94
N SER C 123 -25.84 8.56 23.68
CA SER C 123 -26.95 8.28 22.76
C SER C 123 -27.18 6.77 22.68
N SER C 124 -28.16 6.32 21.94
CA SER C 124 -28.35 4.83 21.87
C SER C 124 -29.02 4.50 20.58
N ALA C 125 -29.00 3.31 20.09
CA ALA C 125 -29.66 3.04 18.78
C ALA C 125 -29.70 1.54 18.60
N LYS C 126 -30.62 1.02 17.83
CA LYS C 126 -30.68 -0.39 17.46
C LYS C 126 -30.96 -0.40 15.92
N LEU C 127 -30.02 -0.98 15.19
CA LEU C 127 -30.08 -1.13 13.79
C LEU C 127 -30.15 -2.60 13.40
N ILE C 128 -30.70 -2.89 12.26
CA ILE C 128 -30.71 -4.28 11.71
C ILE C 128 -29.92 -4.31 10.39
N LEU C 129 -28.97 -5.17 10.20
CA LEU C 129 -28.26 -5.24 8.91
C LEU C 129 -28.80 -6.53 8.24
N ALA C 130 -29.08 -6.51 6.98
CA ALA C 130 -29.65 -7.71 6.35
C ALA C 130 -28.87 -8.00 5.09
N TYR C 131 -28.54 -9.24 4.84
CA TYR C 131 -27.93 -9.76 3.63
C TYR C 131 -29.04 -10.46 2.85
N THR C 132 -29.28 -10.17 1.61
CA THR C 132 -30.40 -10.84 0.85
C THR C 132 -29.73 -11.72 -0.19
N PRO C 133 -29.84 -13.00 -0.13
CA PRO C 133 -29.12 -13.91 -1.08
C PRO C 133 -29.74 -13.79 -2.45
N PRO C 134 -28.99 -14.13 -3.44
CA PRO C 134 -29.33 -13.92 -4.87
C PRO C 134 -30.67 -14.48 -5.16
N GLY C 135 -31.47 -13.85 -6.02
CA GLY C 135 -32.78 -14.49 -6.30
C GLY C 135 -33.93 -13.65 -5.95
N ALA C 136 -33.79 -12.77 -5.03
CA ALA C 136 -34.89 -11.81 -4.62
C ALA C 136 -34.43 -10.41 -4.96
N ARG C 137 -35.23 -9.39 -4.92
CA ARG C 137 -34.84 -8.01 -5.17
C ARG C 137 -34.22 -7.38 -3.92
N GLY C 138 -33.61 -6.23 -4.13
CA GLY C 138 -33.09 -5.50 -2.86
C GLY C 138 -34.40 -5.30 -2.05
N PRO C 139 -34.34 -5.59 -0.77
CA PRO C 139 -35.53 -5.45 0.09
C PRO C 139 -35.97 -3.98 0.03
N GLN C 140 -37.24 -3.82 0.10
CA GLN C 140 -37.92 -2.56 0.11
C GLN C 140 -38.42 -2.06 1.42
N ASP C 141 -38.43 -2.77 2.46
CA ASP C 141 -38.84 -2.36 3.81
C ASP C 141 -38.25 -3.45 4.72
N ARG C 142 -38.11 -3.15 5.96
CA ARG C 142 -37.44 -4.04 6.96
C ARG C 142 -38.16 -5.36 7.00
N ARG C 143 -39.47 -5.34 6.68
CA ARG C 143 -40.16 -6.65 6.91
C ARG C 143 -39.52 -7.58 5.87
N GLU C 144 -39.42 -6.97 4.72
CA GLU C 144 -38.86 -7.78 3.64
C GLU C 144 -37.45 -8.13 3.98
N ALA C 145 -36.73 -7.16 4.55
CA ALA C 145 -35.28 -7.35 4.80
C ALA C 145 -35.02 -8.39 5.88
N MET C 146 -35.80 -8.36 6.90
CA MET C 146 -35.58 -9.19 8.11
C MET C 146 -35.79 -10.64 7.79
N LEU C 147 -36.33 -11.09 6.67
CA LEU C 147 -36.54 -12.52 6.39
C LEU C 147 -35.29 -13.22 5.82
N GLY C 148 -34.18 -12.59 5.68
CA GLY C 148 -32.93 -13.10 5.12
C GLY C 148 -31.90 -12.88 6.24
N THR C 149 -30.64 -13.10 5.90
CA THR C 149 -29.53 -13.05 6.86
C THR C 149 -29.51 -11.70 7.51
N HIS C 150 -29.56 -11.65 8.81
CA HIS C 150 -29.62 -10.28 9.43
C HIS C 150 -29.03 -10.33 10.81
N VAL C 151 -28.65 -9.25 11.45
CA VAL C 151 -28.12 -9.13 12.79
C VAL C 151 -28.78 -7.91 13.47
N VAL C 152 -29.45 -8.02 14.57
CA VAL C 152 -29.92 -6.76 15.24
C VAL C 152 -28.70 -6.23 15.97
N TRP C 153 -28.24 -5.08 15.69
CA TRP C 153 -27.03 -4.50 16.33
C TRP C 153 -27.40 -3.62 17.48
N ASP C 154 -26.94 -3.77 18.67
CA ASP C 154 -27.42 -2.83 19.77
C ASP C 154 -26.21 -1.95 20.02
N ILE C 155 -26.32 -0.68 19.83
CA ILE C 155 -25.14 0.27 19.95
C ILE C 155 -24.80 0.40 21.38
N GLY C 156 -23.55 0.05 21.73
CA GLY C 156 -23.18 0.09 23.14
C GLY C 156 -21.72 0.49 23.29
N LEU C 157 -21.22 -0.01 24.39
CA LEU C 157 -19.84 0.20 24.79
C LEU C 157 -18.93 -0.31 23.71
N GLN C 158 -19.16 -1.48 23.32
CA GLN C 158 -18.58 -2.16 22.14
C GLN C 158 -19.12 -1.44 20.91
N SER C 159 -18.15 -0.74 20.28
CA SER C 159 -18.46 0.22 19.23
C SER C 159 -18.75 -0.34 17.88
N THR C 160 -18.16 -1.45 17.47
CA THR C 160 -18.33 -2.06 16.16
C THR C 160 -19.10 -3.33 16.16
N ILE C 161 -19.78 -3.68 15.11
CA ILE C 161 -20.52 -4.85 14.85
C ILE C 161 -19.96 -5.45 13.54
N VAL C 162 -19.70 -6.70 13.53
CA VAL C 162 -19.17 -7.41 12.42
C VAL C 162 -20.20 -8.34 11.82
N MET C 163 -20.75 -8.03 10.70
CA MET C 163 -21.69 -8.87 10.00
C MET C 163 -20.92 -9.71 9.00
N THR C 164 -21.24 -10.92 8.83
CA THR C 164 -20.53 -11.80 7.80
C THR C 164 -21.44 -12.03 6.69
N ILE C 165 -21.09 -11.91 5.45
CA ILE C 165 -22.07 -12.32 4.33
C ILE C 165 -21.67 -13.73 4.03
N PRO C 166 -22.28 -14.71 4.64
CA PRO C 166 -21.84 -16.12 4.40
C PRO C 166 -21.95 -16.48 2.96
N TRP C 167 -21.04 -17.26 2.41
CA TRP C 167 -21.11 -17.68 0.99
C TRP C 167 -22.40 -18.50 0.72
N THR C 168 -23.35 -17.85 0.07
CA THR C 168 -24.57 -18.50 -0.39
C THR C 168 -24.56 -18.64 -1.89
N SER C 169 -24.35 -19.84 -2.41
CA SER C 169 -24.21 -19.97 -3.85
C SER C 169 -24.41 -21.34 -4.39
N GLY C 170 -24.94 -21.41 -5.60
CA GLY C 170 -25.12 -22.70 -6.30
C GLY C 170 -23.66 -23.01 -6.82
N VAL C 171 -23.28 -22.30 -7.84
CA VAL C 171 -21.99 -22.30 -8.53
C VAL C 171 -20.95 -21.94 -7.47
N GLN C 172 -19.83 -22.62 -7.50
CA GLN C 172 -18.78 -22.38 -6.47
C GLN C 172 -17.90 -21.25 -6.72
N PHE C 173 -17.98 -20.56 -7.81
CA PHE C 173 -17.19 -19.32 -8.04
C PHE C 173 -18.10 -18.32 -8.73
N ARG C 174 -17.85 -17.10 -8.50
CA ARG C 174 -18.55 -15.97 -9.13
C ARG C 174 -17.41 -15.11 -9.82
N TYR C 175 -17.71 -14.36 -10.90
CA TYR C 175 -16.73 -13.41 -11.55
C TYR C 175 -16.71 -12.18 -10.66
N THR C 176 -15.60 -11.51 -10.69
CA THR C 176 -15.45 -10.27 -9.94
C THR C 176 -16.22 -9.20 -10.69
N ASP C 177 -15.94 -9.18 -11.96
CA ASP C 177 -16.59 -8.27 -12.90
C ASP C 177 -18.09 -8.60 -12.88
N PRO C 178 -18.98 -7.62 -12.80
CA PRO C 178 -20.43 -7.86 -12.71
C PRO C 178 -20.96 -8.82 -13.73
N ASP C 179 -21.22 -10.06 -13.21
CA ASP C 179 -22.04 -11.09 -13.95
C ASP C 179 -23.42 -11.31 -13.25
N THR C 180 -24.48 -11.50 -14.05
CA THR C 180 -25.89 -11.72 -13.53
C THR C 180 -26.02 -13.08 -12.90
N TYR C 181 -25.68 -14.06 -13.69
CA TYR C 181 -25.91 -15.47 -13.32
C TYR C 181 -25.23 -15.69 -11.96
N THR C 182 -24.04 -15.15 -11.94
CA THR C 182 -23.07 -15.09 -10.89
C THR C 182 -23.30 -14.02 -9.89
N SER C 183 -24.49 -13.46 -9.71
CA SER C 183 -24.59 -12.26 -8.80
C SER C 183 -24.72 -12.61 -7.37
N ALA C 184 -24.30 -11.83 -6.38
CA ALA C 184 -24.34 -12.23 -5.01
C ALA C 184 -25.36 -11.75 -4.07
N GLY C 185 -26.31 -10.92 -4.40
CA GLY C 185 -27.29 -10.40 -3.40
C GLY C 185 -27.22 -8.91 -3.13
N PHE C 186 -27.82 -8.49 -2.04
CA PHE C 186 -27.90 -7.16 -1.61
C PHE C 186 -27.61 -7.09 -0.12
N LEU C 187 -27.23 -5.89 0.26
CA LEU C 187 -26.96 -5.66 1.74
C LEU C 187 -27.77 -4.46 2.14
N SER C 188 -28.64 -4.43 3.09
CA SER C 188 -29.38 -3.20 3.45
C SER C 188 -29.27 -3.00 4.94
N CYS C 189 -29.68 -1.86 5.49
CA CYS C 189 -29.60 -1.60 6.97
C CYS C 189 -30.78 -0.68 7.31
N TRP C 190 -31.52 -0.90 8.38
CA TRP C 190 -32.73 -0.15 8.74
C TRP C 190 -32.73 0.17 10.19
N TYR C 191 -33.47 1.13 10.66
CA TYR C 191 -33.60 1.35 12.13
C TYR C 191 -34.38 0.21 12.73
N GLN C 192 -33.96 -0.36 13.82
CA GLN C 192 -34.66 -1.51 14.45
C GLN C 192 -35.61 -0.89 15.49
N THR C 193 -35.06 0.08 16.16
CA THR C 193 -35.90 0.93 17.03
C THR C 193 -35.58 2.34 16.51
N SER C 194 -34.53 2.97 16.93
CA SER C 194 -34.26 4.32 16.32
C SER C 194 -33.13 4.97 17.02
N LEU C 195 -32.41 5.94 16.45
CA LEU C 195 -31.27 6.58 17.17
C LEU C 195 -31.84 7.59 18.16
N ILE C 196 -31.33 7.74 19.33
CA ILE C 196 -31.90 8.72 20.34
C ILE C 196 -30.80 9.58 20.85
N LEU C 197 -30.75 10.89 20.71
CA LEU C 197 -29.52 11.64 21.18
C LEU C 197 -29.78 12.14 22.58
N PRO C 198 -28.75 12.32 23.38
CA PRO C 198 -28.99 12.90 24.74
C PRO C 198 -29.31 14.35 24.59
N PRO C 199 -29.81 14.97 25.63
CA PRO C 199 -30.03 16.40 25.71
C PRO C 199 -28.78 17.17 25.32
N GLU C 200 -28.97 18.41 24.91
CA GLU C 200 -27.85 19.33 24.65
C GLU C 200 -27.09 18.86 23.45
N THR C 201 -27.64 17.95 22.71
CA THR C 201 -26.94 17.37 21.54
C THR C 201 -27.75 17.48 20.32
N THR C 202 -27.10 17.59 19.17
CA THR C 202 -27.98 17.68 17.95
C THR C 202 -27.40 17.34 16.64
N GLY C 203 -28.35 17.09 15.69
CA GLY C 203 -27.83 16.77 14.35
C GLY C 203 -27.65 15.34 13.99
N GLN C 204 -26.82 15.13 12.96
CA GLN C 204 -26.59 13.77 12.42
C GLN C 204 -25.42 13.09 13.12
N VAL C 205 -25.51 11.80 13.21
CA VAL C 205 -24.30 11.04 13.77
C VAL C 205 -23.89 10.18 12.59
N TYR C 206 -22.64 9.70 12.52
CA TYR C 206 -22.31 8.84 11.38
C TYR C 206 -21.78 7.50 11.77
N LEU C 207 -21.95 6.52 10.93
CA LEU C 207 -21.36 5.19 11.06
C LEU C 207 -20.17 5.16 10.04
N LEU C 208 -19.07 4.57 10.37
CA LEU C 208 -18.01 4.25 9.44
C LEU C 208 -18.23 2.79 9.02
N SER C 209 -17.99 2.41 7.80
CA SER C 209 -18.21 0.94 7.48
C SER C 209 -16.98 0.34 6.88
N PHE C 210 -16.58 -0.89 7.25
CA PHE C 210 -15.37 -1.49 6.66
C PHE C 210 -15.70 -2.74 5.85
N ILE C 211 -14.82 -3.23 4.99
CA ILE C 211 -14.96 -4.54 4.34
C ILE C 211 -13.57 -5.24 4.30
N SER C 212 -13.56 -6.49 4.57
CA SER C 212 -12.44 -7.43 4.50
C SER C 212 -12.96 -8.83 4.19
N ALA C 213 -12.14 -9.74 3.75
CA ALA C 213 -12.55 -11.09 3.38
C ALA C 213 -12.37 -12.07 4.49
N CYS C 214 -13.21 -13.04 4.65
CA CYS C 214 -13.03 -14.12 5.68
C CYS C 214 -11.92 -15.03 5.21
N PRO C 215 -11.47 -15.92 6.09
CA PRO C 215 -10.35 -16.81 5.79
C PRO C 215 -10.76 -17.88 4.82
N ASP C 216 -11.91 -18.06 4.42
CA ASP C 216 -12.79 -18.77 3.60
C ASP C 216 -12.53 -18.55 2.14
N PHE C 217 -12.14 -17.31 1.84
CA PHE C 217 -11.99 -16.67 0.55
C PHE C 217 -11.07 -17.30 -0.43
N LYS C 218 -11.37 -17.35 -1.68
CA LYS C 218 -10.52 -17.84 -2.77
C LYS C 218 -10.62 -16.86 -3.92
N LEU C 219 -9.59 -16.60 -4.61
CA LEU C 219 -9.48 -15.69 -5.77
C LEU C 219 -8.67 -16.53 -6.80
N ARG C 220 -8.96 -16.53 -8.02
CA ARG C 220 -8.19 -17.27 -9.01
C ARG C 220 -8.30 -16.68 -10.39
N LEU C 221 -7.39 -17.10 -11.28
CA LEU C 221 -7.22 -16.71 -12.64
C LEU C 221 -6.91 -15.19 -12.78
N MET C 222 -5.64 -14.95 -12.60
CA MET C 222 -5.15 -13.54 -12.62
C MET C 222 -5.33 -12.92 -13.99
N LYS C 223 -5.59 -11.66 -13.96
CA LYS C 223 -5.76 -10.81 -15.13
C LYS C 223 -5.44 -9.36 -14.77
N ASP C 224 -5.59 -8.52 -15.75
CA ASP C 224 -5.25 -7.10 -15.70
C ASP C 224 -6.39 -6.27 -15.13
N THR C 225 -6.09 -5.21 -14.41
CA THR C 225 -7.12 -4.45 -13.69
C THR C 225 -7.60 -3.32 -14.59
N GLN C 226 -8.89 -3.07 -14.53
CA GLN C 226 -9.47 -1.94 -15.23
C GLN C 226 -9.11 -0.70 -14.42
N THR C 227 -8.54 -0.84 -13.26
CA THR C 227 -8.28 0.35 -12.47
C THR C 227 -7.09 1.14 -12.79
N ILE C 228 -6.39 0.96 -13.85
CA ILE C 228 -5.19 1.75 -14.20
C ILE C 228 -4.81 1.64 -15.65
N SER C 229 -4.51 2.79 -16.24
CA SER C 229 -4.20 2.76 -17.72
C SER C 229 -3.30 3.94 -18.05
N GLN C 230 -2.98 4.12 -19.30
CA GLN C 230 -2.02 5.22 -19.58
C GLN C 230 -2.05 5.47 -21.05
N THR C 231 -1.61 6.67 -21.47
CA THR C 231 -1.58 6.95 -22.90
C THR C 231 -0.17 7.13 -23.38
N VAL C 232 0.75 7.60 -22.63
CA VAL C 232 2.18 7.58 -23.25
C VAL C 232 3.08 7.09 -22.17
N ALA C 233 4.26 6.58 -22.58
CA ALA C 233 5.13 6.06 -21.45
C ALA C 233 5.51 7.24 -20.56
N LEU C 234 5.62 7.03 -19.28
CA LEU C 234 6.12 8.13 -18.40
C LEU C 234 7.62 8.24 -18.61
N THR C 235 8.14 9.37 -18.19
CA THR C 235 9.62 9.61 -18.16
C THR C 235 10.02 10.26 -16.85
N GLU C 236 11.33 10.47 -16.68
CA GLU C 236 11.81 11.01 -15.36
C GLU C 236 11.61 12.52 -15.39
N ILE D 29 16.64 -30.13 -12.66
CA ILE D 29 18.06 -29.94 -13.06
C ILE D 29 18.52 -28.54 -13.41
N ASN D 30 19.41 -27.95 -12.64
CA ASN D 30 19.80 -26.57 -13.05
C ASN D 30 20.84 -26.72 -14.13
N TYR D 31 20.74 -26.07 -15.26
CA TYR D 31 21.83 -26.16 -16.28
C TYR D 31 22.90 -25.10 -16.12
N TYR D 32 22.59 -24.16 -15.28
CA TYR D 32 23.41 -22.97 -15.10
C TYR D 32 23.94 -22.85 -13.69
N LYS D 33 25.08 -22.15 -13.59
CA LYS D 33 25.81 -22.05 -12.37
C LYS D 33 25.31 -21.10 -11.33
N ASP D 34 24.72 -19.99 -11.73
CA ASP D 34 24.32 -18.93 -10.83
C ASP D 34 22.94 -19.10 -10.33
N ALA D 35 22.60 -18.62 -9.12
CA ALA D 35 21.23 -18.86 -8.61
C ALA D 35 20.20 -18.00 -9.30
N ALA D 36 20.61 -16.93 -9.93
CA ALA D 36 19.59 -16.01 -10.47
C ALA D 36 19.05 -16.69 -11.68
N SER D 37 19.74 -17.78 -12.02
CA SER D 37 19.30 -18.22 -13.41
C SER D 37 18.29 -19.26 -13.31
N THR D 38 17.93 -19.64 -12.11
CA THR D 38 16.92 -20.72 -11.88
C THR D 38 15.52 -20.18 -12.06
N SER D 39 14.57 -21.10 -12.19
CA SER D 39 13.19 -20.66 -12.49
C SER D 39 12.56 -20.17 -11.19
N SER D 40 11.30 -19.82 -11.37
CA SER D 40 10.51 -19.13 -10.32
C SER D 40 10.56 -19.96 -9.04
N ALA D 41 10.33 -19.28 -7.92
CA ALA D 41 10.43 -19.91 -6.65
C ALA D 41 9.45 -20.88 -6.15
N GLY D 42 8.24 -21.22 -6.41
CA GLY D 42 7.65 -22.32 -5.37
C GLY D 42 6.93 -21.53 -4.28
N GLN D 43 5.76 -22.11 -3.82
CA GLN D 43 4.81 -21.30 -2.99
C GLN D 43 5.14 -21.31 -1.50
N SER D 44 5.32 -20.00 -1.12
CA SER D 44 5.66 -19.66 0.23
C SER D 44 4.99 -20.68 1.18
N LEU D 45 3.70 -20.71 0.75
CA LEU D 45 2.89 -21.63 1.70
C LEU D 45 3.29 -21.20 3.13
N SER D 46 3.49 -19.74 3.19
CA SER D 46 3.78 -19.27 4.57
C SER D 46 2.48 -18.78 5.17
N MET D 47 1.99 -17.62 4.76
CA MET D 47 0.66 -17.18 5.18
C MET D 47 0.35 -16.97 6.63
N ASP D 48 0.48 -15.76 7.13
CA ASP D 48 0.18 -15.39 8.48
C ASP D 48 -0.25 -13.93 8.57
N PRO D 49 -1.53 -13.75 8.45
CA PRO D 49 -2.08 -12.39 8.38
C PRO D 49 -1.99 -11.73 9.71
N SER D 50 -1.70 -12.32 10.76
CA SER D 50 -1.79 -11.61 12.05
C SER D 50 -0.85 -10.46 12.08
N LYS D 51 0.25 -10.37 11.44
CA LYS D 51 1.05 -9.12 11.59
C LYS D 51 0.27 -7.91 11.10
N PHE D 52 -0.62 -8.10 10.16
CA PHE D 52 -1.47 -7.09 9.54
C PHE D 52 -2.82 -7.03 10.21
N THR D 53 -3.45 -8.11 10.54
CA THR D 53 -4.83 -8.04 11.07
C THR D 53 -4.95 -7.91 12.56
N GLU D 54 -4.00 -8.24 13.35
CA GLU D 54 -4.02 -8.17 14.78
C GLU D 54 -2.70 -7.76 15.37
N PRO D 55 -2.20 -6.58 14.99
CA PRO D 55 -0.95 -6.12 15.59
C PRO D 55 -1.23 -5.48 16.93
N VAL D 56 -2.15 -5.98 17.78
CA VAL D 56 -2.37 -5.30 19.07
C VAL D 56 -1.41 -5.79 20.12
N LYS D 57 -1.08 -4.99 21.09
CA LYS D 57 -0.10 -5.30 22.10
C LYS D 57 -0.73 -6.30 23.05
N ASP D 58 -1.85 -6.14 23.64
CA ASP D 58 -2.48 -7.11 24.49
C ASP D 58 -3.53 -7.84 23.58
N LEU D 59 -3.35 -9.13 23.57
CA LEU D 59 -4.06 -10.12 22.85
C LEU D 59 -5.60 -10.01 23.04
N MET D 60 -6.27 -10.09 21.94
CA MET D 60 -7.74 -9.96 22.00
C MET D 60 -8.35 -11.31 21.74
N LEU D 61 -9.20 -11.84 22.63
CA LEU D 61 -9.88 -13.11 22.27
C LEU D 61 -11.25 -12.97 21.72
N LYS D 62 -11.49 -13.57 20.60
CA LYS D 62 -12.88 -13.38 19.95
C LYS D 62 -13.97 -13.79 20.85
N GLY D 63 -14.92 -12.94 21.27
CA GLY D 63 -15.99 -13.60 22.16
C GLY D 63 -15.84 -12.95 23.49
N ALA D 64 -14.63 -12.69 23.87
CA ALA D 64 -14.43 -11.86 25.09
C ALA D 64 -14.70 -10.42 24.65
N PRO D 65 -15.10 -9.58 25.56
CA PRO D 65 -15.32 -8.16 25.31
C PRO D 65 -14.06 -7.50 24.74
N ALA D 66 -14.23 -6.65 23.79
CA ALA D 66 -13.14 -5.86 23.20
C ALA D 66 -12.49 -4.96 24.23
N LEU D 67 -13.32 -4.21 24.93
CA LEU D 67 -12.74 -3.26 25.94
C LEU D 67 -13.38 -3.66 27.27
N ASN D 68 -12.56 -3.95 28.19
CA ASN D 68 -12.80 -4.42 29.55
C ASN D 68 -12.62 -3.18 30.45
O1 W84 E . 22.38 -7.28 -18.76
N2 W84 E . 23.03 -7.89 -19.87
C3 W84 E . 22.62 -7.26 -20.91
C31 W84 E . 23.11 -7.66 -22.25
C4 W84 E . 21.71 -6.25 -20.57
C5 W84 E . 21.59 -6.30 -19.24
C1C W84 E . 20.82 -5.55 -18.23
C2C W84 E . 21.15 -5.96 -16.82
C3C W84 E . 20.01 -5.66 -15.86
C4C W84 E . 20.19 -4.43 -15.03
C5C W84 E . 18.88 -3.88 -14.45
C6C W84 E . 18.74 -4.20 -12.97
C7C W84 E . 17.33 -4.22 -12.47
O1B W84 E . 16.84 -2.86 -12.58
C1B W84 E . 15.85 -2.37 -11.76
C2B W84 E . 15.40 -1.05 -11.79
C3B W84 E . 14.38 -0.65 -10.95
C4B W84 E . 13.79 -1.55 -10.06
C5B W84 E . 14.27 -2.87 -10.02
C6B W84 E . 15.29 -3.27 -10.86
C2A W84 E . 12.66 -1.14 -9.25
N3A W84 E . 12.17 0.19 -9.12
C4A W84 E . 11.06 0.28 -8.34
CM1 W84 E . 9.67 0.72 -8.59
C5A W84 E . 10.94 -1.20 -7.97
O1A W84 E . 11.93 -1.95 -8.55
#